data_5H68
#
_entry.id   5H68
#
_cell.length_a   70.339
_cell.length_b   65.835
_cell.length_c   77.923
_cell.angle_alpha   90.00
_cell.angle_beta   108.11
_cell.angle_gamma   90.00
#
_symmetry.space_group_name_H-M   'P 1 21 1'
#
loop_
_entity.id
_entity.type
_entity.pdbx_description
1 polymer 'Chromosome partition protein Smc'
2 non-polymer 'PHOSPHOTHIOPHOSPHORIC ACID-ADENYLATE ESTER'
3 non-polymer 'MAGNESIUM ION'
4 water water
#
_entity_poly.entity_id   1
_entity_poly.type   'polypeptide(L)'
_entity_poly.pdbx_seq_one_letter_code
;GPHMFLKRLDVIGFKSFADRVSIEFVPGVTAVVGPNGSGKSNITDAIRWVLGEQSAKSLRGAKMEDVIFAGSESRKPLNV
AEVTITLDNEDGFLPLEYQEVSVTRRVYRSGESEFFINRQPCRLKDIVDLFLDSGLGKEAFSIIGQGRVEEILSSKPEER
RTIFEEAAGVLKGSGGGSGEEMKKRFLTTFEQIRAHFGEVFGELFGGGRADLRLTDPNDLLETGIDIVAQPPGKKLQHLS
LLSGGERALTAIALLFSILKVRPVPFCVLDQVEAALDEANVQRYAQYLKRFSRDTQFIVITHRKGTMEEADVLYGVTMQE
SGVSKLVSVRLEDSKELVRS
;
_entity_poly.pdbx_strand_id   A,B
#
# COMPACT_ATOMS: atom_id res chain seq x y z
N MET A 4 21.08 23.78 -6.40
CA MET A 4 19.81 24.49 -6.55
C MET A 4 18.78 23.98 -5.54
N PHE A 5 17.83 24.83 -5.15
CA PHE A 5 16.72 24.32 -4.37
C PHE A 5 15.38 25.02 -4.59
N LEU A 6 14.35 24.32 -4.12
CA LEU A 6 12.99 24.77 -4.23
C LEU A 6 12.71 25.82 -3.16
N LYS A 7 12.34 27.02 -3.59
CA LYS A 7 12.10 28.15 -2.67
C LYS A 7 10.64 28.29 -2.34
N ARG A 8 9.79 28.14 -3.35
CA ARG A 8 8.37 28.37 -3.12
C ARG A 8 7.50 27.65 -4.12
N LEU A 9 6.31 27.27 -3.68
CA LEU A 9 5.30 26.67 -4.54
C LEU A 9 4.00 27.43 -4.29
N ASP A 10 3.44 28.03 -5.33
CA ASP A 10 2.13 28.67 -5.24
C ASP A 10 1.12 27.80 -5.97
N VAL A 11 0.02 27.50 -5.30
CA VAL A 11 -0.99 26.61 -5.86
C VAL A 11 -2.31 27.35 -5.85
N ILE A 12 -2.92 27.51 -7.02
CA ILE A 12 -4.11 28.35 -7.14
C ILE A 12 -5.17 27.68 -8.01
N GLY A 13 -6.26 27.24 -7.39
CA GLY A 13 -7.32 26.57 -8.14
C GLY A 13 -6.99 25.14 -8.58
N PHE A 14 -5.85 24.62 -8.16
CA PHE A 14 -5.41 23.26 -8.52
C PHE A 14 -5.96 22.23 -7.54
N LYS A 15 -6.66 21.24 -8.07
CA LYS A 15 -7.40 20.26 -7.29
C LYS A 15 -8.14 20.90 -6.09
N SER A 16 -7.88 20.40 -4.88
CA SER A 16 -8.62 20.87 -3.71
C SER A 16 -8.18 22.26 -3.23
N PHE A 17 -7.16 22.83 -3.84
CA PHE A 17 -6.73 24.16 -3.43
C PHE A 17 -7.49 25.26 -4.19
N ALA A 18 -8.75 25.47 -3.83
CA ALA A 18 -9.58 26.50 -4.46
C ALA A 18 -8.96 27.89 -4.33
N ASP A 19 -8.45 28.22 -3.14
CA ASP A 19 -7.78 29.50 -2.91
C ASP A 19 -6.28 29.35 -3.03
N ARG A 20 -5.61 30.43 -3.43
CA ARG A 20 -4.16 30.44 -3.51
C ARG A 20 -3.53 30.04 -2.18
N VAL A 21 -2.67 29.03 -2.21
CA VAL A 21 -1.82 28.71 -1.06
C VAL A 21 -0.40 28.89 -1.52
N SER A 22 0.37 29.65 -0.74
CA SER A 22 1.76 29.92 -1.09
C SER A 22 2.67 29.24 -0.06
N ILE A 23 3.46 28.27 -0.51
CA ILE A 23 4.24 27.44 0.41
C ILE A 23 5.73 27.74 0.29
N GLU A 24 6.31 28.27 1.36
CA GLU A 24 7.75 28.54 1.36
C GLU A 24 8.48 27.29 1.79
N PHE A 25 9.60 27.00 1.15
CA PHE A 25 10.38 25.83 1.53
C PHE A 25 11.75 26.23 2.07
N VAL A 26 12.26 25.43 2.99
CA VAL A 26 13.62 25.59 3.53
C VAL A 26 14.47 24.47 2.95
N PRO A 27 15.78 24.70 2.79
CA PRO A 27 16.65 23.54 2.59
C PRO A 27 16.52 22.64 3.82
N GLY A 28 16.84 21.37 3.68
CA GLY A 28 16.63 20.42 4.75
C GLY A 28 15.38 19.59 4.48
N VAL A 29 14.67 19.21 5.55
CA VAL A 29 13.51 18.34 5.43
C VAL A 29 12.23 19.06 5.82
N THR A 30 11.28 19.11 4.89
CA THR A 30 9.97 19.69 5.14
C THR A 30 8.96 18.55 5.20
N ALA A 31 8.23 18.48 6.29
CA ALA A 31 7.22 17.43 6.44
C ALA A 31 5.84 18.03 6.31
N VAL A 32 4.98 17.34 5.60
CA VAL A 32 3.65 17.83 5.37
C VAL A 32 2.73 16.81 6.02
N VAL A 33 1.87 17.25 6.93
CA VAL A 33 1.07 16.31 7.71
C VAL A 33 -0.39 16.76 7.65
N GLY A 34 -1.30 15.85 8.02
CA GLY A 34 -2.71 16.16 8.03
C GLY A 34 -3.55 14.90 7.85
N PRO A 35 -4.87 15.04 8.02
CA PRO A 35 -5.80 13.91 8.02
C PRO A 35 -6.06 13.35 6.61
N ASN A 36 -6.74 12.22 6.54
CA ASN A 36 -7.05 11.60 5.26
C ASN A 36 -7.82 12.60 4.39
N GLY A 37 -7.54 12.59 3.09
CA GLY A 37 -8.27 13.39 2.13
C GLY A 37 -8.09 14.90 2.20
N SER A 38 -7.04 15.37 2.88
CA SER A 38 -6.92 16.80 3.15
C SER A 38 -6.22 17.62 2.08
N GLY A 39 -5.44 16.99 1.21
CA GLY A 39 -4.83 17.72 0.10
C GLY A 39 -3.34 17.55 -0.03
N LYS A 40 -2.77 16.65 0.77
CA LYS A 40 -1.31 16.51 0.81
C LYS A 40 -0.71 15.92 -0.48
N SER A 41 -1.22 14.77 -0.90
CA SER A 41 -0.79 14.18 -2.16
C SER A 41 -1.09 15.12 -3.33
N ASN A 42 -2.17 15.89 -3.21
CA ASN A 42 -2.48 16.87 -4.24
C ASN A 42 -1.35 17.88 -4.41
N ILE A 43 -0.60 18.13 -3.35
CA ILE A 43 0.54 19.03 -3.45
C ILE A 43 1.65 18.40 -4.29
N THR A 44 1.91 17.11 -4.10
CA THR A 44 2.91 16.43 -4.91
C THR A 44 2.48 16.37 -6.38
N ASP A 45 1.18 16.24 -6.62
CA ASP A 45 0.67 16.34 -8.00
C ASP A 45 0.90 17.72 -8.62
N ALA A 46 0.75 18.78 -7.83
CA ALA A 46 1.03 20.13 -8.32
C ALA A 46 2.47 20.26 -8.78
N ILE A 47 3.38 19.69 -8.00
CA ILE A 47 4.80 19.71 -8.35
C ILE A 47 5.07 18.95 -9.65
N ARG A 48 4.54 17.72 -9.75
CA ARG A 48 4.67 16.94 -10.98
C ARG A 48 4.16 17.76 -12.16
N TRP A 49 2.98 18.36 -11.96
CA TRP A 49 2.30 19.08 -13.03
C TRP A 49 3.13 20.27 -13.52
N VAL A 50 3.65 21.06 -12.59
CA VAL A 50 4.37 22.27 -12.97
C VAL A 50 5.73 21.95 -13.57
N LEU A 51 6.26 20.78 -13.23
CA LEU A 51 7.53 20.34 -13.81
C LEU A 51 7.35 19.82 -15.24
N GLY A 52 6.09 19.63 -15.65
CA GLY A 52 5.82 19.32 -17.03
C GLY A 52 5.16 17.99 -17.29
N GLU A 53 4.59 17.37 -16.26
CA GLU A 53 3.88 16.11 -16.45
C GLU A 53 2.79 16.22 -17.52
N GLN A 54 2.80 15.28 -18.47
CA GLN A 54 1.88 15.36 -19.60
C GLN A 54 0.65 14.47 -19.46
N SER A 55 0.71 13.48 -18.57
CA SER A 55 -0.36 12.49 -18.46
C SER A 55 -1.29 12.79 -17.29
N ALA A 56 -2.56 13.06 -17.60
CA ALA A 56 -3.55 13.35 -16.56
C ALA A 56 -3.75 12.13 -15.69
N LYS A 57 -3.51 10.95 -16.26
CA LYS A 57 -3.67 9.70 -15.53
C LYS A 57 -2.59 9.57 -14.47
N SER A 58 -1.40 10.09 -14.79
CA SER A 58 -0.31 10.13 -13.83
C SER A 58 -0.67 11.01 -12.64
N LEU A 59 -1.68 11.85 -12.80
CA LEU A 59 -2.12 12.79 -11.77
C LEU A 59 -3.51 12.38 -11.25
N ARG A 60 -3.84 11.11 -11.44
CA ARG A 60 -5.10 10.52 -10.96
C ARG A 60 -6.34 11.03 -11.67
N GLY A 61 -6.14 11.77 -12.77
CA GLY A 61 -7.25 12.31 -13.52
C GLY A 61 -7.56 11.49 -14.77
N ALA A 62 -8.53 11.93 -15.56
CA ALA A 62 -8.82 11.27 -16.84
C ALA A 62 -8.45 12.22 -17.97
N LYS A 63 -8.70 13.50 -17.74
CA LYS A 63 -8.39 14.57 -18.67
C LYS A 63 -7.75 15.66 -17.85
N MET A 64 -6.95 16.51 -18.47
CA MET A 64 -6.18 17.51 -17.73
C MET A 64 -7.10 18.50 -17.00
N GLU A 65 -8.30 18.72 -17.54
CA GLU A 65 -9.30 19.57 -16.90
C GLU A 65 -9.61 19.12 -15.47
N ASP A 66 -9.42 17.83 -15.19
CA ASP A 66 -9.74 17.28 -13.87
C ASP A 66 -8.90 17.88 -12.73
N VAL A 67 -7.80 18.53 -13.05
CA VAL A 67 -6.98 19.15 -12.01
C VAL A 67 -7.44 20.55 -11.59
N ILE A 68 -8.51 21.04 -12.22
CA ILE A 68 -9.08 22.33 -11.82
C ILE A 68 -10.11 22.10 -10.70
N PHE A 69 -10.06 22.94 -9.66
CA PHE A 69 -11.03 22.81 -8.56
C PHE A 69 -12.46 22.65 -9.07
N ALA A 70 -13.08 21.54 -8.71
CA ALA A 70 -14.32 21.12 -9.33
C ALA A 70 -15.52 21.39 -8.44
N GLY A 71 -15.32 22.16 -7.38
CA GLY A 71 -16.39 22.44 -6.46
C GLY A 71 -16.41 21.52 -5.25
N SER A 72 -17.13 21.94 -4.21
CA SER A 72 -17.34 21.08 -3.06
C SER A 72 -18.72 21.38 -2.51
N GLU A 73 -19.09 20.76 -1.38
CA GLU A 73 -20.36 21.09 -0.73
C GLU A 73 -20.44 22.58 -0.46
N SER A 74 -19.29 23.20 -0.19
CA SER A 74 -19.28 24.61 0.22
C SER A 74 -19.01 25.58 -0.93
N ARG A 75 -18.16 25.16 -1.87
CA ARG A 75 -17.59 26.09 -2.82
C ARG A 75 -17.91 25.67 -4.25
N LYS A 76 -18.24 26.65 -5.11
CA LYS A 76 -18.50 26.40 -6.53
C LYS A 76 -17.21 26.08 -7.31
N PRO A 77 -17.32 25.30 -8.39
CA PRO A 77 -16.15 24.99 -9.22
C PRO A 77 -15.44 26.22 -9.81
N LEU A 78 -14.14 26.09 -10.05
CA LEU A 78 -13.38 27.16 -10.67
C LEU A 78 -13.14 26.81 -12.14
N ASN A 79 -12.65 27.78 -12.93
CA ASN A 79 -12.43 27.54 -14.36
C ASN A 79 -10.97 27.65 -14.81
N VAL A 80 -10.08 27.91 -13.86
CA VAL A 80 -8.66 27.97 -14.14
C VAL A 80 -7.89 27.42 -12.94
N ALA A 81 -6.83 26.64 -13.23
CA ALA A 81 -5.89 26.19 -12.20
C ALA A 81 -4.51 26.69 -12.60
N GLU A 82 -3.70 27.01 -11.60
CA GLU A 82 -2.42 27.63 -11.83
C GLU A 82 -1.44 27.15 -10.76
N VAL A 83 -0.23 26.78 -11.16
CA VAL A 83 0.83 26.43 -10.20
C VAL A 83 2.11 27.15 -10.59
N THR A 84 2.76 27.77 -9.61
CA THR A 84 4.06 28.41 -9.86
C THR A 84 5.11 27.89 -8.91
N ILE A 85 6.25 27.51 -9.46
CA ILE A 85 7.36 27.02 -8.66
C ILE A 85 8.47 28.03 -8.77
N THR A 86 9.16 28.30 -7.65
CA THR A 86 10.24 29.27 -7.66
C THR A 86 11.50 28.61 -7.13
N LEU A 87 12.60 28.82 -7.85
CA LEU A 87 13.83 28.09 -7.62
C LEU A 87 14.99 29.03 -7.44
N ASP A 88 15.91 28.67 -6.54
CA ASP A 88 17.13 29.45 -6.35
C ASP A 88 18.16 29.06 -7.40
N ASN A 89 18.48 29.98 -8.30
CA ASN A 89 19.46 29.69 -9.35
C ASN A 89 20.74 30.51 -9.17
N GLU A 90 21.11 30.77 -7.92
CA GLU A 90 22.31 31.56 -7.65
C GLU A 90 23.57 30.93 -8.26
N ASP A 91 23.65 29.60 -8.23
CA ASP A 91 24.81 28.87 -8.72
C ASP A 91 24.81 28.63 -10.24
N GLY A 92 23.76 29.08 -10.93
CA GLY A 92 23.62 28.77 -12.34
C GLY A 92 23.46 27.28 -12.58
N PHE A 93 22.76 26.60 -11.69
CA PHE A 93 22.41 25.20 -11.89
C PHE A 93 21.62 25.07 -13.19
N LEU A 94 20.65 25.97 -13.34
CA LEU A 94 19.86 26.03 -14.55
C LEU A 94 20.51 26.94 -15.58
N PRO A 95 20.46 26.54 -16.86
CA PRO A 95 21.10 27.29 -17.96
C PRO A 95 20.33 28.57 -18.31
N LEU A 96 20.02 29.35 -17.28
CA LEU A 96 19.50 30.70 -17.43
C LEU A 96 20.42 31.58 -16.60
N GLU A 97 20.45 32.86 -16.91
CA GLU A 97 21.36 33.78 -16.22
C GLU A 97 20.66 34.53 -15.09
N TYR A 98 19.45 34.08 -14.75
CA TYR A 98 18.74 34.58 -13.58
C TYR A 98 19.20 33.86 -12.31
N GLN A 99 19.14 34.56 -11.19
CA GLN A 99 19.58 33.98 -9.91
C GLN A 99 18.39 33.35 -9.21
N GLU A 100 17.21 33.79 -9.62
CA GLU A 100 15.96 33.19 -9.17
C GLU A 100 15.14 32.82 -10.41
N VAL A 101 14.67 31.57 -10.47
CA VAL A 101 13.90 31.11 -11.63
C VAL A 101 12.50 30.68 -11.22
N SER A 102 11.48 31.14 -11.96
CA SER A 102 10.11 30.71 -11.70
C SER A 102 9.51 30.05 -12.93
N VAL A 103 8.62 29.09 -12.71
CA VAL A 103 7.98 28.39 -13.81
C VAL A 103 6.50 28.34 -13.46
N THR A 104 5.65 28.68 -14.42
CA THR A 104 4.22 28.70 -14.19
C THR A 104 3.50 27.86 -15.22
N ARG A 105 2.48 27.13 -14.78
CA ARG A 105 1.62 26.40 -15.68
C ARG A 105 0.17 26.72 -15.32
N ARG A 106 -0.65 26.92 -16.36
CA ARG A 106 -2.08 27.17 -16.18
C ARG A 106 -2.88 26.27 -17.10
N VAL A 107 -4.09 25.92 -16.66
CA VAL A 107 -5.02 25.26 -17.55
C VAL A 107 -6.40 25.86 -17.28
N TYR A 108 -7.16 26.09 -18.34
CA TYR A 108 -8.50 26.66 -18.24
C TYR A 108 -9.48 25.56 -18.50
N ARG A 109 -10.67 25.69 -17.93
CA ARG A 109 -11.71 24.71 -18.16
C ARG A 109 -12.06 24.69 -19.66
N SER A 110 -11.91 25.83 -20.32
CA SER A 110 -12.17 25.93 -21.77
C SER A 110 -11.06 25.32 -22.63
N GLY A 111 -9.96 24.88 -22.02
CA GLY A 111 -8.93 24.14 -22.74
C GLY A 111 -7.62 24.85 -23.03
N GLU A 112 -7.58 26.17 -22.90
CA GLU A 112 -6.32 26.87 -23.13
C GLU A 112 -5.28 26.53 -22.05
N SER A 113 -4.01 26.67 -22.43
CA SER A 113 -2.89 26.54 -21.51
C SER A 113 -2.00 27.76 -21.61
N GLU A 114 -1.25 28.00 -20.56
CA GLU A 114 -0.18 28.96 -20.59
C GLU A 114 0.98 28.28 -19.90
N PHE A 115 2.19 28.66 -20.31
CA PHE A 115 3.40 28.19 -19.68
C PHE A 115 4.26 29.41 -19.64
N PHE A 116 4.93 29.63 -18.51
CA PHE A 116 5.87 30.73 -18.39
C PHE A 116 7.12 30.28 -17.71
N ILE A 117 8.23 30.92 -18.08
CA ILE A 117 9.50 30.81 -17.38
C ILE A 117 9.90 32.25 -17.09
N ASN A 118 10.12 32.56 -15.81
CA ASN A 118 10.34 33.94 -15.37
C ASN A 118 9.34 34.92 -16.02
N ARG A 119 8.08 34.53 -16.02
CA ARG A 119 6.96 35.36 -16.46
C ARG A 119 6.85 35.57 -17.98
N GLN A 120 7.84 35.07 -18.73
CA GLN A 120 7.74 35.09 -20.19
C GLN A 120 7.09 33.83 -20.75
N PRO A 121 6.09 34.01 -21.63
CA PRO A 121 5.32 32.87 -22.14
C PRO A 121 6.23 31.90 -22.88
N CYS A 122 5.94 30.61 -22.75
CA CYS A 122 6.77 29.61 -23.39
C CYS A 122 5.93 28.39 -23.66
N ARG A 123 6.57 27.30 -24.07
CA ARG A 123 5.85 26.06 -24.39
C ARG A 123 6.13 25.03 -23.31
N LEU A 124 5.30 23.99 -23.21
CA LEU A 124 5.60 22.89 -22.28
C LEU A 124 7.00 22.35 -22.53
N LYS A 125 7.39 22.27 -23.80
CA LYS A 125 8.69 21.74 -24.19
C LYS A 125 9.85 22.53 -23.57
N ASP A 126 9.68 23.85 -23.43
CA ASP A 126 10.74 24.69 -22.87
C ASP A 126 10.94 24.43 -21.37
N ILE A 127 9.87 24.09 -20.67
CA ILE A 127 9.94 23.72 -19.27
C ILE A 127 10.59 22.34 -19.13
N VAL A 128 10.18 21.41 -19.99
CA VAL A 128 10.75 20.08 -19.98
C VAL A 128 12.24 20.14 -20.30
N ASP A 129 12.60 20.91 -21.32
CA ASP A 129 14.02 21.07 -21.66
C ASP A 129 14.78 21.79 -20.56
N LEU A 130 14.15 22.77 -19.94
CA LEU A 130 14.78 23.47 -18.81
C LEU A 130 15.19 22.47 -17.72
N PHE A 131 14.30 21.56 -17.37
CA PHE A 131 14.58 20.66 -16.25
C PHE A 131 15.20 19.35 -16.67
N LEU A 132 15.51 19.20 -17.96
CA LEU A 132 15.93 17.92 -18.51
C LEU A 132 17.13 17.33 -17.77
N ASP A 133 18.12 18.16 -17.49
CA ASP A 133 19.35 17.64 -16.87
C ASP A 133 19.29 17.63 -15.34
N SER A 134 18.19 18.10 -14.77
CA SER A 134 18.04 18.22 -13.32
C SER A 134 17.69 16.91 -12.64
N GLY A 135 16.91 16.05 -13.33
CA GLY A 135 16.47 14.79 -12.78
C GLY A 135 15.20 14.93 -11.94
N LEU A 136 14.66 16.15 -11.88
CA LEU A 136 13.52 16.42 -11.01
C LEU A 136 12.22 15.79 -11.51
N GLY A 137 11.34 15.38 -10.58
CA GLY A 137 10.03 14.86 -10.91
C GLY A 137 10.00 13.48 -11.56
N LYS A 138 11.02 12.67 -11.29
CA LYS A 138 11.15 11.33 -11.89
C LYS A 138 10.76 10.25 -10.90
N GLU A 139 9.72 9.49 -11.26
CA GLU A 139 9.15 8.48 -10.37
C GLU A 139 10.22 7.42 -10.05
N ALA A 140 10.22 6.94 -8.81
CA ALA A 140 11.20 5.95 -8.34
C ALA A 140 12.61 6.53 -8.30
N PHE A 141 12.73 7.82 -8.61
CA PHE A 141 14.02 8.49 -8.58
C PHE A 141 13.98 9.77 -7.71
N SER A 142 13.22 10.78 -8.15
CA SER A 142 13.20 12.07 -7.42
C SER A 142 11.80 12.41 -6.88
N ILE A 143 10.85 11.53 -7.18
CA ILE A 143 9.52 11.61 -6.59
C ILE A 143 8.99 10.18 -6.39
N ILE A 144 8.37 9.93 -5.25
CA ILE A 144 7.79 8.62 -5.01
C ILE A 144 6.36 8.79 -4.58
N GLY A 145 5.45 8.31 -5.42
CA GLY A 145 4.02 8.44 -5.15
C GLY A 145 3.58 7.55 -4.01
N GLN A 146 2.45 7.90 -3.42
CA GLN A 146 1.86 7.14 -2.34
C GLN A 146 1.65 5.72 -2.82
N GLY A 147 2.09 4.77 -2.00
CA GLY A 147 1.87 3.36 -2.30
C GLY A 147 2.82 2.79 -3.32
N ARG A 148 3.73 3.59 -3.85
CA ARG A 148 4.59 3.12 -4.95
C ARG A 148 6.07 2.91 -4.62
N VAL A 149 6.39 2.81 -3.34
CA VAL A 149 7.81 2.70 -2.97
C VAL A 149 8.49 1.45 -3.57
N GLU A 150 7.75 0.35 -3.68
CA GLU A 150 8.31 -0.91 -4.17
C GLU A 150 8.38 -0.99 -5.70
N GLU A 151 8.17 0.12 -6.38
CA GLU A 151 8.06 0.12 -7.85
C GLU A 151 9.28 -0.50 -8.56
N ILE A 152 10.48 -0.21 -8.07
CA ILE A 152 11.67 -0.84 -8.67
C ILE A 152 11.78 -2.33 -8.29
N LEU A 153 11.51 -2.65 -7.03
CA LEU A 153 11.62 -4.05 -6.56
C LEU A 153 10.63 -4.96 -7.28
N SER A 154 9.42 -4.44 -7.52
CA SER A 154 8.36 -5.26 -8.10
C SER A 154 8.39 -5.17 -9.62
N SER A 155 9.35 -4.43 -10.16
CA SER A 155 9.60 -4.41 -11.59
C SER A 155 10.37 -5.66 -12.00
N LYS A 156 10.13 -6.12 -13.23
CA LYS A 156 10.90 -7.23 -13.79
C LYS A 156 12.32 -6.72 -14.04
N PRO A 157 13.31 -7.63 -14.00
CA PRO A 157 14.73 -7.27 -14.13
C PRO A 157 15.03 -6.32 -15.29
N GLU A 158 14.35 -6.53 -16.41
CA GLU A 158 14.55 -5.72 -17.61
C GLU A 158 14.04 -4.28 -17.44
N GLU A 159 12.91 -4.13 -16.75
CA GLU A 159 12.32 -2.81 -16.54
C GLU A 159 13.19 -2.00 -15.58
N ARG A 160 13.82 -2.71 -14.65
CA ARG A 160 14.75 -2.09 -13.71
C ARG A 160 15.83 -1.33 -14.46
N ARG A 161 16.28 -1.90 -15.57
CA ARG A 161 17.35 -1.32 -16.40
C ARG A 161 17.04 0.10 -16.87
N THR A 162 15.82 0.29 -17.38
CA THR A 162 15.39 1.58 -17.91
C THR A 162 15.48 2.68 -16.85
N ILE A 163 15.07 2.35 -15.64
CA ILE A 163 15.15 3.25 -14.49
C ILE A 163 16.58 3.67 -14.25
N PHE A 164 17.49 2.69 -14.32
CA PHE A 164 18.91 2.96 -14.15
C PHE A 164 19.43 3.82 -15.31
N GLU A 165 18.80 3.69 -16.47
CA GLU A 165 19.15 4.52 -17.63
C GLU A 165 18.73 5.98 -17.46
N GLU A 166 17.49 6.21 -17.04
CA GLU A 166 17.04 7.56 -16.72
C GLU A 166 17.92 8.16 -15.63
N ALA A 167 18.31 7.32 -14.68
CA ALA A 167 19.23 7.72 -13.63
C ALA A 167 20.61 8.03 -14.23
N ALA A 168 21.07 7.16 -15.12
CA ALA A 168 22.34 7.39 -15.77
C ALA A 168 22.30 8.63 -16.66
N GLY A 169 21.23 8.73 -17.44
CA GLY A 169 21.10 9.78 -18.44
C GLY A 169 20.78 9.18 -19.80
N VAL A 170 19.56 8.63 -19.93
CA VAL A 170 19.11 8.04 -21.18
C VAL A 170 17.64 8.38 -21.42
N LYS A 183 26.78 4.69 -22.87
CA LYS A 183 26.34 3.53 -23.65
C LYS A 183 26.44 2.13 -22.98
N LYS A 184 27.41 1.81 -22.10
CA LYS A 184 28.61 2.54 -21.63
C LYS A 184 28.41 3.63 -20.56
N ARG A 185 27.16 3.99 -20.30
CA ARG A 185 26.84 5.02 -19.33
C ARG A 185 26.03 4.35 -18.23
N PHE A 186 25.15 3.47 -18.67
CA PHE A 186 24.44 2.53 -17.83
C PHE A 186 25.38 1.87 -16.83
N LEU A 187 26.35 1.12 -17.36
CA LEU A 187 27.30 0.35 -16.53
C LEU A 187 28.01 1.16 -15.47
N THR A 188 28.52 2.33 -15.84
CA THR A 188 29.23 3.20 -14.90
C THR A 188 28.30 3.64 -13.78
N THR A 189 27.06 3.93 -14.15
CA THR A 189 26.06 4.38 -13.21
C THR A 189 25.66 3.22 -12.32
N PHE A 190 25.40 2.06 -12.93
CA PHE A 190 25.06 0.84 -12.21
C PHE A 190 26.09 0.50 -11.13
N GLU A 191 27.37 0.54 -11.50
CA GLU A 191 28.44 0.15 -10.59
C GLU A 191 28.53 1.08 -9.39
N GLN A 192 28.25 2.36 -9.62
CA GLN A 192 28.31 3.32 -8.54
C GLN A 192 27.12 3.11 -7.61
N ILE A 193 25.94 2.87 -8.19
CA ILE A 193 24.76 2.62 -7.37
C ILE A 193 24.94 1.30 -6.60
N ARG A 194 25.43 0.27 -7.29
CA ARG A 194 25.73 -1.01 -6.64
C ARG A 194 26.66 -0.84 -5.43
N ALA A 195 27.71 -0.06 -5.60
CA ALA A 195 28.67 0.16 -4.50
C ALA A 195 28.05 0.83 -3.28
N HIS A 196 27.09 1.73 -3.51
CA HIS A 196 26.36 2.36 -2.42
C HIS A 196 25.32 1.44 -1.76
N PHE A 197 24.65 0.63 -2.57
CA PHE A 197 23.49 -0.13 -2.12
C PHE A 197 23.83 -1.00 -0.92
N GLY A 198 24.96 -1.68 -0.99
CA GLY A 198 25.44 -2.49 0.13
C GLY A 198 25.56 -1.71 1.42
N GLU A 199 26.17 -0.52 1.37
CA GLU A 199 26.32 0.33 2.55
C GLU A 199 24.99 0.87 3.07
N VAL A 200 24.18 1.43 2.18
CA VAL A 200 22.92 2.04 2.57
C VAL A 200 21.99 1.01 3.20
N PHE A 201 21.97 -0.19 2.63
CA PHE A 201 21.15 -1.29 3.14
C PHE A 201 21.52 -1.65 4.57
N GLY A 202 22.82 -1.76 4.84
CA GLY A 202 23.30 -1.97 6.21
C GLY A 202 22.94 -0.84 7.18
N GLU A 203 23.19 0.40 6.76
CA GLU A 203 22.88 1.58 7.58
C GLU A 203 21.37 1.67 7.90
N LEU A 204 20.54 1.24 6.96
CA LEU A 204 19.10 1.30 7.17
C LEU A 204 18.58 0.17 8.05
N PHE A 205 19.12 -1.04 7.85
CA PHE A 205 18.61 -2.19 8.57
C PHE A 205 19.30 -2.31 9.93
N GLY A 206 20.52 -1.79 10.01
CA GLY A 206 21.36 -2.01 11.16
C GLY A 206 22.16 -3.28 10.98
N GLY A 207 22.45 -3.64 9.73
CA GLY A 207 23.23 -4.84 9.46
C GLY A 207 22.80 -5.57 8.20
N GLY A 208 23.29 -6.80 8.01
CA GLY A 208 22.93 -7.63 6.88
C GLY A 208 23.56 -7.17 5.58
N ARG A 209 23.33 -7.93 4.51
CA ARG A 209 24.01 -7.67 3.25
C ARG A 209 23.07 -7.57 2.04
N ALA A 210 23.43 -6.75 1.07
CA ALA A 210 22.66 -6.67 -0.17
C ALA A 210 23.57 -6.34 -1.34
N ASP A 211 23.08 -6.60 -2.55
CA ASP A 211 23.89 -6.37 -3.73
C ASP A 211 22.96 -6.23 -4.92
N LEU A 212 23.49 -5.63 -5.99
CA LEU A 212 22.80 -5.58 -7.27
C LEU A 212 23.61 -6.41 -8.25
N ARG A 213 22.94 -7.19 -9.09
CA ARG A 213 23.62 -8.04 -10.07
C ARG A 213 23.05 -7.91 -11.48
N LEU A 214 23.94 -7.88 -12.46
CA LEU A 214 23.56 -7.89 -13.88
C LEU A 214 23.23 -9.31 -14.36
N THR A 215 22.11 -9.46 -15.06
CA THR A 215 21.77 -10.74 -15.67
C THR A 215 22.82 -11.11 -16.71
N ASP A 216 22.86 -10.35 -17.79
CA ASP A 216 23.81 -10.59 -18.89
C ASP A 216 24.82 -9.44 -18.98
N PRO A 217 25.98 -9.59 -18.33
CA PRO A 217 26.99 -8.53 -18.34
C PRO A 217 27.59 -8.25 -19.72
N ASN A 218 27.26 -9.07 -20.71
CA ASN A 218 27.82 -8.90 -22.06
C ASN A 218 26.90 -8.18 -23.05
N ASP A 219 25.69 -7.86 -22.61
CA ASP A 219 24.74 -7.12 -23.45
C ASP A 219 23.95 -6.18 -22.54
N LEU A 220 24.08 -4.87 -22.79
CA LEU A 220 23.70 -3.89 -21.78
C LEU A 220 22.66 -2.88 -22.26
N LEU A 221 22.19 -3.08 -23.49
CA LEU A 221 21.02 -2.38 -23.99
C LEU A 221 19.84 -3.23 -23.62
N GLU A 222 20.12 -4.48 -23.24
CA GLU A 222 19.09 -5.48 -23.03
C GLU A 222 19.03 -6.10 -21.62
N THR A 223 20.19 -6.37 -21.00
CA THR A 223 20.21 -7.15 -19.75
C THR A 223 19.41 -6.55 -18.61
N GLY A 224 18.94 -7.42 -17.72
CA GLY A 224 18.19 -6.97 -16.56
C GLY A 224 19.06 -6.86 -15.32
N ILE A 225 18.48 -6.35 -14.24
CA ILE A 225 19.17 -6.22 -12.98
C ILE A 225 18.48 -7.06 -11.91
N ASP A 226 19.23 -7.94 -11.26
CA ASP A 226 18.69 -8.67 -10.11
C ASP A 226 19.05 -7.94 -8.81
N ILE A 227 18.15 -8.04 -7.83
CA ILE A 227 18.38 -7.44 -6.53
C ILE A 227 18.48 -8.53 -5.47
N VAL A 228 19.55 -8.49 -4.67
CA VAL A 228 19.78 -9.46 -3.62
C VAL A 228 19.71 -8.70 -2.31
N ALA A 229 18.96 -9.23 -1.34
CA ALA A 229 18.76 -8.55 -0.08
C ALA A 229 18.60 -9.54 1.06
N GLN A 230 19.48 -9.47 2.03
CA GLN A 230 19.50 -10.41 3.14
C GLN A 230 19.59 -9.65 4.47
N PRO A 231 18.46 -9.51 5.16
CA PRO A 231 18.43 -8.84 6.47
C PRO A 231 19.33 -9.60 7.47
N PRO A 232 19.79 -8.92 8.53
CA PRO A 232 20.74 -9.47 9.51
C PRO A 232 20.38 -10.88 10.00
N GLY A 233 21.31 -11.82 9.86
CA GLY A 233 21.14 -13.17 10.38
C GLY A 233 20.23 -14.06 9.55
N LYS A 234 19.42 -13.44 8.69
CA LYS A 234 18.52 -14.20 7.84
C LYS A 234 19.28 -14.81 6.69
N LYS A 235 18.68 -15.76 6.00
CA LYS A 235 19.36 -16.37 4.88
C LYS A 235 18.69 -16.05 3.54
N LEU A 236 19.54 -15.80 2.55
CA LEU A 236 19.14 -15.37 1.21
C LEU A 236 18.16 -16.31 0.53
N GLN A 237 16.93 -15.83 0.33
CA GLN A 237 16.00 -16.51 -0.56
C GLN A 237 15.45 -15.43 -1.46
N HIS A 238 14.42 -15.78 -2.23
CA HIS A 238 13.83 -14.84 -3.16
C HIS A 238 13.48 -13.54 -2.43
N LEU A 239 13.77 -12.42 -3.09
CA LEU A 239 13.36 -11.09 -2.65
C LEU A 239 11.88 -11.09 -2.27
N SER A 240 11.08 -11.83 -3.02
CA SER A 240 9.62 -11.84 -2.87
C SER A 240 9.15 -12.34 -1.50
N LEU A 241 9.95 -13.17 -0.84
CA LEU A 241 9.59 -13.74 0.46
C LEU A 241 9.77 -12.77 1.63
N LEU A 242 10.51 -11.69 1.41
CA LEU A 242 10.67 -10.68 2.46
C LEU A 242 9.33 -10.03 2.78
N SER A 243 9.24 -9.46 3.97
CA SER A 243 8.01 -8.88 4.47
C SER A 243 7.74 -7.52 3.84
N GLY A 244 6.53 -7.00 4.05
CA GLY A 244 6.16 -5.69 3.52
C GLY A 244 7.12 -4.61 4.00
N GLY A 245 7.42 -4.59 5.30
CA GLY A 245 8.34 -3.60 5.83
C GLY A 245 9.77 -3.82 5.36
N GLU A 246 10.17 -5.08 5.25
CA GLU A 246 11.50 -5.42 4.75
C GLU A 246 11.69 -5.02 3.28
N ARG A 247 10.71 -5.32 2.44
CA ARG A 247 10.78 -4.88 1.03
C ARG A 247 10.76 -3.36 0.90
N ALA A 248 9.93 -2.70 1.72
CA ALA A 248 9.88 -1.24 1.70
C ALA A 248 11.24 -0.64 2.08
N LEU A 249 11.84 -1.16 3.14
CA LEU A 249 13.14 -0.61 3.58
C LEU A 249 14.22 -0.93 2.53
N THR A 250 14.11 -2.07 1.85
CA THR A 250 15.05 -2.39 0.77
C THR A 250 14.89 -1.41 -0.39
N ALA A 251 13.65 -1.11 -0.75
CA ALA A 251 13.39 -0.17 -1.84
C ALA A 251 13.92 1.21 -1.47
N ILE A 252 13.75 1.58 -0.21
CA ILE A 252 14.27 2.86 0.28
C ILE A 252 15.80 2.87 0.19
N ALA A 253 16.45 1.78 0.54
CA ALA A 253 17.91 1.71 0.40
C ALA A 253 18.34 1.93 -1.05
N LEU A 254 17.59 1.32 -1.98
CA LEU A 254 17.92 1.42 -3.39
C LEU A 254 17.72 2.86 -3.88
N LEU A 255 16.60 3.47 -3.46
CA LEU A 255 16.32 4.87 -3.79
C LEU A 255 17.45 5.80 -3.35
N PHE A 256 17.83 5.72 -2.07
CA PHE A 256 18.91 6.54 -1.55
C PHE A 256 20.24 6.28 -2.31
N SER A 257 20.43 5.04 -2.76
CA SER A 257 21.62 4.68 -3.51
C SER A 257 21.63 5.38 -4.87
N ILE A 258 20.48 5.36 -5.53
CA ILE A 258 20.30 6.10 -6.77
C ILE A 258 20.58 7.59 -6.55
N LEU A 259 20.00 8.16 -5.49
CA LEU A 259 20.21 9.60 -5.19
C LEU A 259 21.66 9.93 -4.84
N LYS A 260 22.41 8.95 -4.35
CA LYS A 260 23.81 9.19 -4.00
C LYS A 260 24.64 9.48 -5.24
N VAL A 261 24.28 8.81 -6.35
CA VAL A 261 25.08 8.83 -7.56
C VAL A 261 24.55 9.82 -8.59
N ARG A 262 23.23 9.87 -8.72
CA ARG A 262 22.58 10.81 -9.63
C ARG A 262 21.75 11.75 -8.77
N PRO A 263 22.42 12.64 -8.04
CA PRO A 263 21.69 13.42 -7.04
C PRO A 263 20.78 14.45 -7.71
N VAL A 264 19.83 14.96 -6.92
CA VAL A 264 18.87 15.91 -7.43
C VAL A 264 18.69 17.04 -6.44
N PRO A 265 18.23 18.19 -6.93
CA PRO A 265 18.11 19.30 -5.98
C PRO A 265 17.01 19.10 -4.94
N PHE A 266 15.90 18.44 -5.30
CA PHE A 266 14.90 18.07 -4.31
C PHE A 266 14.19 16.77 -4.63
N CYS A 267 13.68 16.12 -3.59
CA CYS A 267 13.05 14.80 -3.75
C CYS A 267 11.76 14.81 -2.94
N VAL A 268 10.69 14.29 -3.55
CA VAL A 268 9.37 14.29 -2.93
C VAL A 268 8.98 12.86 -2.58
N LEU A 269 8.66 12.61 -1.31
CA LEU A 269 8.35 11.27 -0.82
C LEU A 269 7.00 11.29 -0.13
N ASP A 270 6.04 10.56 -0.71
CA ASP A 270 4.67 10.56 -0.22
C ASP A 270 4.43 9.27 0.57
N GLN A 271 4.54 9.38 1.90
CA GLN A 271 4.34 8.25 2.81
C GLN A 271 5.07 6.99 2.42
N VAL A 272 6.37 7.12 2.15
CA VAL A 272 7.16 5.96 1.75
C VAL A 272 7.46 5.05 2.94
N GLU A 273 7.26 5.56 4.16
CA GLU A 273 7.59 4.75 5.33
C GLU A 273 6.37 4.03 5.92
N ALA A 274 5.27 3.98 5.16
CA ALA A 274 4.01 3.38 5.65
C ALA A 274 4.15 1.95 6.20
N ALA A 275 4.95 1.11 5.54
CA ALA A 275 5.10 -0.28 5.99
C ALA A 275 6.09 -0.46 7.14
N LEU A 276 6.81 0.60 7.47
CA LEU A 276 7.89 0.52 8.47
C LEU A 276 7.37 0.53 9.93
N ASP A 277 8.01 -0.27 10.78
CA ASP A 277 7.69 -0.26 12.21
C ASP A 277 8.39 0.94 12.85
N GLU A 278 8.21 1.13 14.15
CA GLU A 278 8.72 2.34 14.80
C GLU A 278 10.24 2.44 14.75
N ALA A 279 10.92 1.32 14.98
CA ALA A 279 12.38 1.30 14.94
C ALA A 279 12.93 1.58 13.55
N ASN A 280 12.32 1.01 12.52
CA ASN A 280 12.78 1.25 11.16
C ASN A 280 12.44 2.67 10.70
N VAL A 281 11.32 3.22 11.18
CA VAL A 281 11.00 4.62 10.85
C VAL A 281 12.09 5.53 11.41
N GLN A 282 12.51 5.24 12.62
CA GLN A 282 13.51 6.08 13.28
C GLN A 282 14.81 6.04 12.47
N ARG A 283 15.19 4.84 12.00
CA ARG A 283 16.42 4.72 11.22
C ARG A 283 16.28 5.41 9.88
N TYR A 284 15.14 5.23 9.24
CA TYR A 284 14.81 5.92 8.00
C TYR A 284 14.87 7.44 8.18
N ALA A 285 14.26 7.92 9.25
CA ALA A 285 14.14 9.37 9.39
C ALA A 285 15.50 10.01 9.68
N GLN A 286 16.33 9.33 10.45
CA GLN A 286 17.65 9.87 10.75
C GLN A 286 18.48 9.85 9.47
N TYR A 287 18.26 8.83 8.67
CA TYR A 287 18.98 8.72 7.42
C TYR A 287 18.57 9.86 6.49
N LEU A 288 17.28 10.09 6.40
CA LEU A 288 16.70 11.19 5.66
C LEU A 288 17.32 12.57 6.04
N LYS A 289 17.42 12.84 7.34
CA LYS A 289 18.02 14.07 7.83
C LYS A 289 19.45 14.21 7.31
N ARG A 290 20.22 13.14 7.43
CA ARG A 290 21.61 13.19 7.05
C ARG A 290 21.70 13.40 5.55
N PHE A 291 20.85 12.71 4.80
CA PHE A 291 20.87 12.86 3.35
C PHE A 291 20.46 14.26 2.89
N SER A 292 19.72 14.98 3.72
CA SER A 292 19.31 16.32 3.32
C SER A 292 20.47 17.32 3.29
N ARG A 293 21.69 16.88 3.63
CA ARG A 293 22.89 17.70 3.42
C ARG A 293 23.03 18.08 1.94
N ASP A 294 22.64 17.15 1.07
CA ASP A 294 22.87 17.28 -0.38
C ASP A 294 21.58 17.48 -1.16
N THR A 295 20.47 17.03 -0.61
CA THR A 295 19.21 17.06 -1.34
C THR A 295 18.09 17.55 -0.44
N GLN A 296 17.29 18.48 -0.94
CA GLN A 296 16.11 18.94 -0.21
C GLN A 296 15.00 17.89 -0.24
N PHE A 297 14.38 17.62 0.90
CA PHE A 297 13.30 16.62 0.90
C PHE A 297 11.98 17.23 1.32
N ILE A 298 10.94 16.89 0.58
CA ILE A 298 9.58 17.27 0.95
C ILE A 298 8.86 15.96 1.10
N VAL A 299 8.43 15.68 2.33
CA VAL A 299 7.88 14.37 2.61
C VAL A 299 6.47 14.50 3.16
N ILE A 300 5.57 13.63 2.72
CA ILE A 300 4.27 13.55 3.35
C ILE A 300 4.35 12.39 4.33
N THR A 301 3.92 12.62 5.57
CA THR A 301 4.11 11.62 6.61
C THR A 301 3.05 11.68 7.70
N HIS A 302 2.84 10.55 8.35
CA HIS A 302 1.99 10.45 9.52
C HIS A 302 2.78 9.94 10.72
N ARG A 303 4.10 9.78 10.56
CA ARG A 303 4.88 9.05 11.56
C ARG A 303 5.69 10.01 12.43
N LYS A 304 5.67 9.81 13.74
CA LYS A 304 6.31 10.79 14.61
C LYS A 304 7.83 10.82 14.47
N GLY A 305 8.43 9.68 14.18
CA GLY A 305 9.87 9.62 13.97
C GLY A 305 10.30 10.53 12.84
N THR A 306 9.52 10.53 11.76
CA THR A 306 9.80 11.42 10.63
C THR A 306 9.53 12.88 11.00
N MET A 307 8.42 13.13 11.68
CA MET A 307 8.10 14.49 12.07
C MET A 307 9.16 15.10 12.98
N GLU A 308 9.74 14.26 13.84
CA GLU A 308 10.79 14.70 14.76
C GLU A 308 12.07 15.09 14.05
N GLU A 309 12.34 14.50 12.89
CA GLU A 309 13.54 14.86 12.15
C GLU A 309 13.31 15.98 11.14
N ALA A 310 12.06 16.40 10.97
CA ALA A 310 11.77 17.45 10.00
C ALA A 310 12.30 18.81 10.47
N ASP A 311 12.77 19.61 9.53
CA ASP A 311 13.16 20.99 9.84
C ASP A 311 11.94 21.89 9.99
N VAL A 312 10.91 21.63 9.20
CA VAL A 312 9.67 22.40 9.33
C VAL A 312 8.48 21.46 9.13
N LEU A 313 7.37 21.75 9.81
CA LEU A 313 6.15 20.92 9.65
C LEU A 313 5.03 21.79 9.08
N TYR A 314 4.36 21.31 8.03
CA TYR A 314 3.21 22.01 7.47
C TYR A 314 2.01 21.14 7.62
N GLY A 315 0.92 21.71 8.15
CA GLY A 315 -0.29 20.93 8.37
C GLY A 315 -1.30 21.33 7.31
N VAL A 316 -1.87 20.34 6.65
CA VAL A 316 -2.88 20.57 5.61
C VAL A 316 -4.23 20.12 6.13
N THR A 317 -5.24 21.00 6.08
CA THR A 317 -6.55 20.68 6.61
C THR A 317 -7.63 21.24 5.70
N MET A 318 -8.86 20.76 5.93
CA MET A 318 -10.04 21.30 5.28
C MET A 318 -11.06 21.75 6.33
N GLN A 319 -10.83 22.91 6.92
CA GLN A 319 -11.83 23.51 7.81
C GLN A 319 -13.11 23.74 7.02
N GLU A 320 -12.96 24.25 5.81
CA GLU A 320 -14.09 24.39 4.88
C GLU A 320 -14.13 23.12 4.05
N SER A 321 -15.33 22.56 3.87
CA SER A 321 -15.53 21.34 3.11
C SER A 321 -14.87 21.39 1.74
N GLY A 322 -14.03 20.39 1.46
CA GLY A 322 -13.43 20.24 0.14
C GLY A 322 -12.32 21.21 -0.23
N VAL A 323 -11.98 22.14 0.66
CA VAL A 323 -10.98 23.14 0.30
C VAL A 323 -9.75 23.03 1.19
N SER A 324 -8.58 22.87 0.57
CA SER A 324 -7.35 22.65 1.31
C SER A 324 -6.72 23.96 1.75
N LYS A 325 -6.25 24.01 3.00
CA LYS A 325 -5.45 25.13 3.49
C LYS A 325 -4.19 24.59 4.20
N LEU A 326 -3.12 25.39 4.23
CA LEU A 326 -1.86 24.93 4.81
C LEU A 326 -1.37 25.96 5.82
N VAL A 327 -0.85 25.48 6.95
CA VAL A 327 -0.22 26.37 7.93
C VAL A 327 1.00 25.69 8.55
N SER A 328 1.96 26.49 9.00
CA SER A 328 3.08 25.92 9.75
C SER A 328 2.55 25.42 11.08
N VAL A 329 2.96 24.22 11.49
CA VAL A 329 2.46 23.66 12.75
C VAL A 329 3.58 23.19 13.65
N ARG A 330 3.32 23.19 14.95
CA ARG A 330 4.28 22.67 15.92
C ARG A 330 4.04 21.19 16.17
N LEU A 331 5.12 20.44 16.34
CA LEU A 331 5.03 19.02 16.60
C LEU A 331 4.15 18.74 17.82
N GLU A 332 4.37 19.49 18.89
CA GLU A 332 3.61 19.32 20.13
C GLU A 332 2.13 19.71 20.00
N ASP A 333 1.77 20.34 18.89
CA ASP A 333 0.36 20.69 18.65
C ASP A 333 -0.28 19.73 17.66
N SER A 334 0.51 18.75 17.22
CA SER A 334 0.09 17.86 16.13
C SER A 334 -0.10 16.42 16.58
N LYS A 335 -0.27 16.23 17.88
CA LYS A 335 -0.42 14.88 18.44
C LYS A 335 -1.58 14.09 17.81
N GLU A 336 -2.62 14.79 17.36
CA GLU A 336 -3.73 14.16 16.67
C GLU A 336 -3.25 13.51 15.38
N LEU A 337 -2.24 14.10 14.78
CA LEU A 337 -1.75 13.63 13.48
C LEU A 337 -0.75 12.49 13.54
N VAL A 338 -0.16 12.26 14.71
CA VAL A 338 0.83 11.17 14.87
C VAL A 338 0.16 9.81 14.83
N ARG A 339 0.60 8.96 13.91
CA ARG A 339 0.01 7.63 13.72
C ARG A 339 0.31 6.74 14.93
N SER A 340 -0.72 6.06 15.41
CA SER A 340 -0.56 5.15 16.53
C SER A 340 -1.36 3.89 16.22
N MET B 4 -17.60 -20.36 17.72
CA MET B 4 -16.55 -19.83 16.85
C MET B 4 -16.08 -20.88 15.85
N PHE B 5 -15.82 -20.46 14.62
CA PHE B 5 -15.55 -21.42 13.55
C PHE B 5 -14.09 -21.86 13.49
N LEU B 6 -13.18 -20.91 13.39
CA LEU B 6 -11.75 -21.21 13.42
C LEU B 6 -11.27 -21.42 14.85
N LYS B 7 -11.02 -22.66 15.25
CA LYS B 7 -10.59 -22.92 16.62
C LYS B 7 -9.09 -22.78 16.80
N ARG B 8 -8.32 -23.37 15.89
CA ARG B 8 -6.89 -23.55 16.10
C ARG B 8 -6.11 -23.64 14.79
N LEU B 9 -4.87 -23.16 14.82
CA LEU B 9 -3.93 -23.32 13.71
C LEU B 9 -2.62 -23.83 14.28
N ASP B 10 -2.17 -24.97 13.77
CA ASP B 10 -0.89 -25.53 14.16
C ASP B 10 0.05 -25.33 12.99
N VAL B 11 1.24 -24.79 13.25
CA VAL B 11 2.20 -24.52 12.19
C VAL B 11 3.59 -25.08 12.54
N ILE B 12 4.16 -25.89 11.65
CA ILE B 12 5.46 -26.49 11.91
C ILE B 12 6.31 -26.52 10.64
N GLY B 13 7.46 -25.84 10.68
CA GLY B 13 8.36 -25.84 9.53
C GLY B 13 7.86 -25.01 8.35
N PHE B 14 6.80 -24.26 8.55
CA PHE B 14 6.26 -23.42 7.48
C PHE B 14 6.90 -22.03 7.54
N LYS B 15 7.67 -21.70 6.50
CA LYS B 15 8.38 -20.43 6.39
C LYS B 15 9.20 -20.16 7.66
N SER B 16 8.93 -19.04 8.34
CA SER B 16 9.76 -18.68 9.49
C SER B 16 9.44 -19.47 10.77
N PHE B 17 8.41 -20.29 10.73
CA PHE B 17 8.02 -21.03 11.93
C PHE B 17 8.72 -22.38 11.92
N ALA B 18 10.01 -22.34 12.22
CA ALA B 18 10.83 -23.56 12.33
C ALA B 18 10.34 -24.44 13.45
N ASP B 19 9.97 -23.85 14.59
CA ASP B 19 9.42 -24.62 15.70
C ASP B 19 7.90 -24.59 15.68
N ARG B 20 7.28 -25.67 16.16
CA ARG B 20 5.82 -25.75 16.20
C ARG B 20 5.23 -24.60 16.99
N VAL B 21 4.29 -23.90 16.37
CA VAL B 21 3.46 -22.94 17.09
C VAL B 21 2.03 -23.44 16.98
N SER B 22 1.22 -23.21 18.01
CA SER B 22 -0.17 -23.56 17.96
C SER B 22 -0.94 -22.33 18.37
N ILE B 23 -1.84 -21.88 17.51
CA ILE B 23 -2.55 -20.64 17.77
C ILE B 23 -4.01 -20.94 18.03
N GLU B 24 -4.48 -20.59 19.24
CA GLU B 24 -5.88 -20.74 19.57
C GLU B 24 -6.62 -19.44 19.33
N PHE B 25 -7.67 -19.52 18.54
CA PHE B 25 -8.47 -18.34 18.25
C PHE B 25 -9.64 -18.24 19.21
N VAL B 26 -10.13 -17.02 19.42
CA VAL B 26 -11.24 -16.79 20.33
C VAL B 26 -12.41 -16.25 19.52
N PRO B 27 -13.61 -16.20 20.11
CA PRO B 27 -14.66 -15.54 19.34
C PRO B 27 -14.35 -14.05 19.24
N GLY B 28 -14.76 -13.42 18.14
CA GLY B 28 -14.58 -12.00 17.97
C GLY B 28 -13.32 -11.68 17.18
N VAL B 29 -12.50 -10.79 17.74
CA VAL B 29 -11.31 -10.30 17.05
C VAL B 29 -10.03 -10.85 17.65
N THR B 30 -9.28 -11.60 16.84
CA THR B 30 -7.92 -12.01 17.19
C THR B 30 -6.92 -11.13 16.45
N ALA B 31 -6.14 -10.36 17.21
CA ALA B 31 -5.17 -9.44 16.61
C ALA B 31 -3.77 -10.00 16.74
N VAL B 32 -2.98 -9.84 15.68
CA VAL B 32 -1.60 -10.31 15.65
C VAL B 32 -0.73 -9.08 15.44
N VAL B 33 0.26 -8.90 16.31
CA VAL B 33 1.09 -7.69 16.28
C VAL B 33 2.57 -8.06 16.35
N GLY B 34 3.44 -7.12 15.99
CA GLY B 34 4.88 -7.38 16.05
C GLY B 34 5.66 -6.55 15.05
N PRO B 35 7.00 -6.55 15.18
CA PRO B 35 7.86 -5.69 14.35
C PRO B 35 7.98 -6.20 12.92
N ASN B 36 8.58 -5.40 12.04
CA ASN B 36 8.76 -5.82 10.64
C ASN B 36 9.48 -7.16 10.57
N GLY B 37 9.06 -8.00 9.63
CA GLY B 37 9.79 -9.23 9.34
C GLY B 37 9.65 -10.35 10.37
N SER B 38 8.69 -10.24 11.28
CA SER B 38 8.62 -11.21 12.38
C SER B 38 7.91 -12.53 12.06
N GLY B 39 7.06 -12.55 11.05
CA GLY B 39 6.33 -13.77 10.72
C GLY B 39 4.81 -13.64 10.67
N LYS B 40 4.28 -12.42 10.82
CA LYS B 40 2.82 -12.24 10.86
C LYS B 40 2.11 -12.59 9.55
N SER B 41 2.52 -11.97 8.45
CA SER B 41 1.91 -12.29 7.16
C SER B 41 2.13 -13.75 6.81
N ASN B 42 3.22 -14.34 7.32
CA ASN B 42 3.46 -15.76 7.06
C ASN B 42 2.33 -16.62 7.63
N ILE B 43 1.77 -16.20 8.75
CA ILE B 43 0.59 -16.90 9.30
C ILE B 43 -0.57 -16.84 8.34
N THR B 44 -0.80 -15.67 7.73
CA THR B 44 -1.88 -15.59 6.75
C THR B 44 -1.60 -16.48 5.56
N ASP B 45 -0.33 -16.58 5.15
CA ASP B 45 0.04 -17.52 4.08
C ASP B 45 -0.26 -18.99 4.48
N ALA B 46 0.02 -19.32 5.72
CA ALA B 46 -0.23 -20.68 6.23
C ALA B 46 -1.71 -21.02 6.12
N ILE B 47 -2.54 -20.02 6.39
CA ILE B 47 -3.99 -20.21 6.30
C ILE B 47 -4.39 -20.42 4.84
N ARG B 48 -3.92 -19.56 3.94
CA ARG B 48 -4.21 -19.74 2.52
C ARG B 48 -3.80 -21.13 2.06
N TRP B 49 -2.62 -21.55 2.49
CA TRP B 49 -2.03 -22.79 2.03
C TRP B 49 -2.85 -24.00 2.47
N VAL B 50 -3.20 -24.04 3.75
CA VAL B 50 -3.91 -25.21 4.29
C VAL B 50 -5.34 -25.29 3.72
N LEU B 51 -5.89 -24.15 3.30
CA LEU B 51 -7.21 -24.12 2.66
C LEU B 51 -7.14 -24.60 1.21
N GLY B 52 -5.94 -24.72 0.68
CA GLY B 52 -5.78 -25.35 -0.62
C GLY B 52 -5.19 -24.50 -1.71
N GLU B 53 -4.54 -23.38 -1.37
CA GLU B 53 -3.90 -22.53 -2.37
C GLU B 53 -2.94 -23.33 -3.24
N GLN B 54 -3.11 -23.23 -4.56
CA GLN B 54 -2.31 -24.00 -5.49
C GLN B 54 -1.18 -23.20 -6.12
N SER B 55 -1.19 -21.88 -5.97
CA SER B 55 -0.16 -21.04 -6.59
C SER B 55 0.92 -20.60 -5.60
N ALA B 56 2.17 -21.01 -5.86
CA ALA B 56 3.29 -20.57 -5.03
C ALA B 56 3.45 -19.05 -5.03
N LYS B 57 3.22 -18.41 -6.18
CA LYS B 57 3.36 -16.97 -6.28
C LYS B 57 2.37 -16.22 -5.36
N SER B 58 1.17 -16.77 -5.22
CA SER B 58 0.20 -16.22 -4.27
C SER B 58 0.73 -16.27 -2.84
N LEU B 59 1.73 -17.13 -2.60
CA LEU B 59 2.35 -17.22 -1.29
C LEU B 59 3.76 -16.62 -1.32
N ARG B 60 3.99 -15.71 -2.26
CA ARG B 60 5.27 -15.01 -2.39
C ARG B 60 6.45 -15.91 -2.74
N GLY B 61 6.16 -17.16 -3.11
CA GLY B 61 7.20 -18.09 -3.49
C GLY B 61 7.32 -18.24 -5.00
N ALA B 62 8.31 -19.02 -5.44
CA ALA B 62 8.46 -19.38 -6.85
C ALA B 62 7.98 -20.80 -7.09
N LYS B 63 8.31 -21.68 -6.13
CA LYS B 63 7.80 -23.04 -6.12
C LYS B 63 7.31 -23.35 -4.71
N MET B 64 6.39 -24.31 -4.59
CA MET B 64 5.81 -24.64 -3.30
C MET B 64 6.85 -24.99 -2.22
N GLU B 65 8.02 -25.43 -2.65
CA GLU B 65 9.08 -25.83 -1.72
C GLU B 65 9.64 -24.62 -0.98
N ASP B 66 9.39 -23.42 -1.50
CA ASP B 66 9.81 -22.19 -0.84
C ASP B 66 9.12 -21.94 0.50
N VAL B 67 7.98 -22.59 0.74
CA VAL B 67 7.30 -22.40 2.02
C VAL B 67 7.87 -23.25 3.15
N ILE B 68 8.85 -24.10 2.83
CA ILE B 68 9.52 -24.85 3.90
C ILE B 68 10.65 -24.02 4.52
N PHE B 69 10.74 -24.01 5.85
CA PHE B 69 11.82 -23.31 6.54
C PHE B 69 13.18 -23.63 5.93
N ALA B 70 13.83 -22.59 5.40
CA ALA B 70 15.04 -22.80 4.60
C ALA B 70 16.32 -22.62 5.40
N GLY B 71 16.19 -22.39 6.70
CA GLY B 71 17.37 -22.26 7.55
C GLY B 71 17.65 -20.81 7.93
N SER B 72 18.59 -20.60 8.84
CA SER B 72 19.02 -19.26 9.22
C SER B 72 20.49 -19.34 9.58
N GLU B 73 21.04 -18.26 10.12
CA GLU B 73 22.43 -18.28 10.56
C GLU B 73 22.58 -19.21 11.76
N SER B 74 21.49 -19.41 12.49
CA SER B 74 21.50 -20.30 13.66
C SER B 74 20.91 -21.69 13.41
N ARG B 75 20.31 -21.93 12.23
CA ARG B 75 19.67 -23.23 11.97
C ARG B 75 19.83 -23.80 10.56
N LYS B 76 19.79 -25.13 10.49
CA LYS B 76 19.78 -25.85 9.22
C LYS B 76 18.39 -25.75 8.62
N PRO B 77 18.27 -25.86 7.29
CA PRO B 77 16.93 -25.92 6.70
C PRO B 77 16.15 -27.18 7.14
N LEU B 78 14.83 -27.08 7.15
CA LEU B 78 14.00 -28.25 7.41
C LEU B 78 13.63 -28.85 6.07
N ASN B 79 13.05 -30.05 6.07
CA ASN B 79 12.72 -30.71 4.82
C ASN B 79 11.24 -31.02 4.66
N VAL B 80 10.45 -30.52 5.61
CA VAL B 80 9.00 -30.63 5.51
C VAL B 80 8.31 -29.47 6.25
N ALA B 81 7.19 -29.01 5.70
CA ALA B 81 6.34 -28.03 6.36
C ALA B 81 4.96 -28.65 6.52
N GLU B 82 4.31 -28.35 7.63
CA GLU B 82 3.00 -28.90 7.93
C GLU B 82 2.13 -27.84 8.56
N VAL B 83 0.90 -27.70 8.05
CA VAL B 83 -0.07 -26.83 8.68
C VAL B 83 -1.36 -27.62 8.93
N THR B 84 -1.95 -27.42 10.09
CA THR B 84 -3.21 -28.06 10.45
C THR B 84 -4.15 -27.01 11.00
N ILE B 85 -5.34 -26.95 10.42
CA ILE B 85 -6.35 -26.02 10.87
C ILE B 85 -7.49 -26.83 11.49
N THR B 86 -7.99 -26.38 12.63
CA THR B 86 -9.08 -27.07 13.32
C THR B 86 -10.31 -26.18 13.36
N LEU B 87 -11.43 -26.70 12.88
CA LEU B 87 -12.63 -25.88 12.70
C LEU B 87 -13.83 -26.46 13.43
N ASP B 88 -14.69 -25.58 13.96
CA ASP B 88 -15.94 -26.04 14.56
C ASP B 88 -17.08 -25.95 13.56
N ASN B 89 -17.62 -27.11 13.20
CA ASN B 89 -18.67 -27.20 12.20
C ASN B 89 -19.99 -27.64 12.83
N GLU B 90 -20.29 -27.13 14.02
CA GLU B 90 -21.49 -27.54 14.74
C GLU B 90 -22.75 -27.21 13.96
N ASP B 91 -22.77 -26.04 13.32
CA ASP B 91 -23.91 -25.62 12.51
C ASP B 91 -24.05 -26.49 11.25
N GLY B 92 -22.92 -27.02 10.77
CA GLY B 92 -22.90 -27.81 9.56
C GLY B 92 -22.46 -27.00 8.35
N PHE B 93 -21.79 -25.87 8.60
CA PHE B 93 -21.28 -24.97 7.55
C PHE B 93 -20.55 -25.70 6.43
N LEU B 94 -19.97 -26.85 6.77
CA LEU B 94 -19.22 -27.66 5.82
C LEU B 94 -20.01 -28.88 5.32
N PRO B 95 -19.77 -29.29 4.06
CA PRO B 95 -20.45 -30.42 3.40
C PRO B 95 -19.87 -31.73 3.88
N LEU B 96 -19.69 -31.80 5.19
CA LEU B 96 -18.89 -32.83 5.84
C LEU B 96 -19.51 -32.93 7.22
N GLU B 97 -20.18 -34.03 7.51
CA GLU B 97 -21.00 -34.05 8.71
C GLU B 97 -20.33 -34.60 9.96
N TYR B 98 -19.23 -33.92 10.30
CA TYR B 98 -18.45 -34.14 11.51
C TYR B 98 -18.66 -32.90 12.37
N GLN B 99 -18.47 -33.04 13.68
CA GLN B 99 -18.57 -31.92 14.60
C GLN B 99 -17.34 -31.03 14.47
N GLU B 100 -16.19 -31.57 14.85
CA GLU B 100 -14.92 -30.87 14.71
C GLU B 100 -14.19 -31.36 13.46
N VAL B 101 -13.83 -30.41 12.59
CA VAL B 101 -13.13 -30.76 11.35
C VAL B 101 -11.68 -30.28 11.42
N SER B 102 -10.74 -31.15 11.04
CA SER B 102 -9.36 -30.72 10.85
C SER B 102 -8.89 -30.98 9.41
N VAL B 103 -7.97 -30.13 8.95
CA VAL B 103 -7.39 -30.27 7.62
C VAL B 103 -5.90 -30.06 7.79
N THR B 104 -5.12 -31.00 7.27
CA THR B 104 -3.67 -30.95 7.37
C THR B 104 -3.09 -30.97 5.98
N ARG B 105 -2.10 -30.11 5.73
CA ARG B 105 -1.37 -30.13 4.48
C ARG B 105 0.12 -30.24 4.80
N ARG B 106 0.85 -31.02 4.00
CA ARG B 106 2.30 -31.13 4.14
C ARG B 106 2.97 -31.00 2.79
N VAL B 107 4.18 -30.49 2.78
CA VAL B 107 5.00 -30.57 1.56
C VAL B 107 6.42 -30.87 2.00
N TYR B 108 7.11 -31.69 1.21
CA TYR B 108 8.47 -32.11 1.54
C TYR B 108 9.42 -31.44 0.57
N ARG B 109 10.68 -31.32 0.94
CA ARG B 109 11.65 -30.65 0.06
C ARG B 109 11.80 -31.39 -1.27
N SER B 110 11.44 -32.67 -1.28
CA SER B 110 11.47 -33.47 -2.49
C SER B 110 10.40 -33.00 -3.48
N GLY B 111 9.41 -32.26 -3.00
CA GLY B 111 8.29 -31.88 -3.83
C GLY B 111 7.08 -32.76 -3.56
N GLU B 112 7.29 -33.82 -2.79
CA GLU B 112 6.19 -34.68 -2.40
C GLU B 112 5.23 -33.90 -1.50
N SER B 113 3.93 -34.15 -1.61
CA SER B 113 2.99 -33.58 -0.65
C SER B 113 1.98 -34.59 -0.10
N GLU B 114 1.37 -34.22 1.02
CA GLU B 114 0.36 -35.04 1.66
C GLU B 114 -0.79 -34.16 2.13
N PHE B 115 -2.02 -34.68 2.07
CA PHE B 115 -3.20 -33.92 2.49
C PHE B 115 -4.06 -34.85 3.33
N PHE B 116 -4.70 -34.31 4.37
CA PHE B 116 -5.61 -35.11 5.20
C PHE B 116 -6.84 -34.30 5.55
N ILE B 117 -7.99 -34.96 5.68
CA ILE B 117 -9.15 -34.37 6.34
C ILE B 117 -9.56 -35.27 7.49
N ASN B 118 -9.61 -34.70 8.69
CA ASN B 118 -9.78 -35.49 9.91
C ASN B 118 -8.90 -36.74 9.93
N ARG B 119 -7.58 -36.51 9.78
CA ARG B 119 -6.56 -37.58 9.87
C ARG B 119 -6.61 -38.62 8.75
N GLN B 120 -7.55 -38.52 7.83
CA GLN B 120 -7.57 -39.51 6.77
C GLN B 120 -7.03 -38.92 5.48
N PRO B 121 -6.03 -39.59 4.90
CA PRO B 121 -5.33 -39.12 3.70
C PRO B 121 -6.35 -38.81 2.60
N CYS B 122 -6.14 -37.70 1.89
CA CYS B 122 -7.05 -37.30 0.83
C CYS B 122 -6.27 -36.58 -0.26
N ARG B 123 -7.00 -36.05 -1.24
CA ARG B 123 -6.38 -35.38 -2.37
C ARG B 123 -6.46 -33.88 -2.16
N LEU B 124 -5.63 -33.11 -2.85
CA LEU B 124 -5.73 -31.65 -2.76
C LEU B 124 -7.14 -31.23 -3.16
N LYS B 125 -7.68 -31.92 -4.17
CA LYS B 125 -9.01 -31.60 -4.68
C LYS B 125 -10.09 -31.75 -3.62
N ASP B 126 -9.91 -32.70 -2.71
CA ASP B 126 -10.86 -32.90 -1.61
C ASP B 126 -10.87 -31.70 -0.68
N ILE B 127 -9.70 -31.09 -0.48
CA ILE B 127 -9.62 -29.92 0.39
C ILE B 127 -10.28 -28.72 -0.31
N VAL B 128 -9.96 -28.54 -1.58
CA VAL B 128 -10.59 -27.51 -2.41
C VAL B 128 -12.11 -27.65 -2.42
N ASP B 129 -12.58 -28.85 -2.77
CA ASP B 129 -14.02 -29.13 -2.79
C ASP B 129 -14.66 -28.86 -1.44
N LEU B 130 -13.93 -29.16 -0.35
CA LEU B 130 -14.48 -28.98 1.00
C LEU B 130 -14.80 -27.52 1.30
N PHE B 131 -13.94 -26.62 0.83
CA PHE B 131 -14.13 -25.19 1.11
C PHE B 131 -14.71 -24.43 -0.07
N LEU B 132 -14.95 -25.13 -1.19
CA LEU B 132 -15.30 -24.48 -2.46
C LEU B 132 -16.45 -23.48 -2.36
N ASP B 133 -17.46 -23.81 -1.55
CA ASP B 133 -18.60 -22.93 -1.41
C ASP B 133 -18.75 -22.34 -0.01
N SER B 134 -17.75 -22.59 0.84
CA SER B 134 -17.71 -22.03 2.19
C SER B 134 -17.51 -20.53 2.18
N GLY B 135 -16.73 -20.05 1.21
CA GLY B 135 -16.39 -18.64 1.17
C GLY B 135 -14.93 -18.41 1.53
N LEU B 136 -14.26 -19.47 2.00
CA LEU B 136 -12.86 -19.41 2.41
C LEU B 136 -12.00 -19.96 1.29
N GLY B 137 -10.78 -19.46 1.13
CA GLY B 137 -10.29 -18.26 1.80
C GLY B 137 -9.93 -17.31 0.67
N LYS B 138 -10.95 -16.68 0.12
CA LYS B 138 -10.82 -16.01 -1.17
C LYS B 138 -10.31 -14.58 -1.01
N GLU B 139 -9.24 -14.26 -1.73
CA GLU B 139 -8.68 -12.91 -1.73
C GLU B 139 -9.75 -11.89 -2.10
N ALA B 140 -9.71 -10.74 -1.44
CA ALA B 140 -10.65 -9.64 -1.65
C ALA B 140 -12.06 -10.00 -1.17
N PHE B 141 -12.16 -11.09 -0.43
CA PHE B 141 -13.45 -11.58 0.04
C PHE B 141 -13.37 -11.98 1.51
N SER B 142 -12.60 -13.01 1.79
CA SER B 142 -12.42 -13.46 3.16
C SER B 142 -10.96 -13.38 3.63
N ILE B 143 -10.03 -13.10 2.72
CA ILE B 143 -8.65 -12.87 3.12
C ILE B 143 -8.08 -11.68 2.37
N ILE B 144 -7.71 -10.63 3.07
CA ILE B 144 -7.16 -9.46 2.41
C ILE B 144 -5.66 -9.37 2.64
N GLY B 145 -4.89 -9.59 1.59
CA GLY B 145 -3.44 -9.55 1.71
C GLY B 145 -2.89 -8.17 2.04
N GLN B 146 -1.72 -8.16 2.67
CA GLN B 146 -1.04 -6.90 2.94
C GLN B 146 -0.85 -6.13 1.63
N GLY B 147 -1.20 -4.85 1.64
CA GLY B 147 -1.00 -3.97 0.49
C GLY B 147 -2.12 -4.08 -0.53
N ARG B 148 -3.03 -5.02 -0.31
CA ARG B 148 -4.01 -5.36 -1.33
C ARG B 148 -5.46 -4.93 -1.05
N VAL B 149 -5.67 -4.04 -0.09
CA VAL B 149 -7.05 -3.69 0.24
C VAL B 149 -7.82 -3.08 -0.97
N GLU B 150 -7.13 -2.35 -1.83
CA GLU B 150 -7.80 -1.66 -2.94
C GLU B 150 -8.09 -2.54 -4.16
N GLU B 151 -7.92 -3.86 -4.02
CA GLU B 151 -8.05 -4.74 -5.18
C GLU B 151 -9.39 -4.71 -5.93
N ILE B 152 -10.52 -4.65 -5.21
CA ILE B 152 -11.81 -4.46 -5.89
C ILE B 152 -11.87 -3.12 -6.63
N LEU B 153 -11.33 -2.07 -6.01
CA LEU B 153 -11.36 -0.74 -6.62
C LEU B 153 -10.54 -0.69 -7.90
N SER B 154 -9.38 -1.34 -7.87
CA SER B 154 -8.46 -1.34 -9.01
C SER B 154 -8.91 -2.30 -10.10
N SER B 155 -9.85 -3.19 -9.78
CA SER B 155 -10.38 -4.15 -10.75
C SER B 155 -11.15 -3.43 -11.86
N LYS B 156 -11.26 -4.09 -13.01
CA LYS B 156 -12.11 -3.61 -14.08
C LYS B 156 -13.56 -3.82 -13.65
N PRO B 157 -14.46 -2.93 -14.09
CA PRO B 157 -15.89 -3.05 -13.77
C PRO B 157 -16.40 -4.44 -14.08
N GLU B 158 -15.97 -5.00 -15.21
CA GLU B 158 -16.35 -6.34 -15.60
C GLU B 158 -15.82 -7.35 -14.60
N GLU B 159 -14.60 -7.13 -14.12
CA GLU B 159 -14.02 -7.99 -13.09
C GLU B 159 -14.89 -7.99 -11.82
N ARG B 160 -15.37 -6.81 -11.41
CA ARG B 160 -16.19 -6.69 -10.20
C ARG B 160 -17.51 -7.43 -10.31
N ARG B 161 -18.07 -7.52 -11.51
CA ARG B 161 -19.33 -8.24 -11.67
C ARG B 161 -19.13 -9.69 -11.26
N THR B 162 -17.98 -10.23 -11.62
CA THR B 162 -17.67 -11.62 -11.37
C THR B 162 -17.60 -11.89 -9.87
N ILE B 163 -17.04 -10.94 -9.11
CA ILE B 163 -17.01 -11.04 -7.65
C ILE B 163 -18.44 -11.12 -7.10
N PHE B 164 -19.28 -10.19 -7.57
CA PHE B 164 -20.67 -10.14 -7.14
C PHE B 164 -21.43 -11.42 -7.50
N GLU B 165 -21.22 -11.90 -8.72
CA GLU B 165 -21.83 -13.15 -9.19
C GLU B 165 -21.54 -14.28 -8.22
N GLU B 166 -20.25 -14.44 -7.91
CA GLU B 166 -19.82 -15.47 -6.98
C GLU B 166 -20.44 -15.30 -5.59
N ALA B 167 -20.63 -14.05 -5.17
CA ALA B 167 -21.28 -13.80 -3.89
C ALA B 167 -22.79 -14.06 -3.97
N ALA B 168 -23.30 -14.14 -5.20
CA ALA B 168 -24.73 -14.37 -5.42
C ALA B 168 -25.07 -15.83 -5.66
N GLY B 169 -24.06 -16.69 -5.63
CA GLY B 169 -24.26 -18.10 -5.91
C GLY B 169 -24.56 -18.38 -7.38
N VAL B 170 -24.30 -17.39 -8.23
CA VAL B 170 -24.41 -17.57 -9.67
C VAL B 170 -23.24 -18.41 -10.18
N GLY B 175 -28.45 -21.91 -19.45
CA GLY B 175 -29.24 -20.76 -19.86
C GLY B 175 -30.73 -21.06 -19.94
N GLY B 176 -31.51 -20.05 -20.34
CA GLY B 176 -32.95 -20.19 -20.51
C GLY B 176 -33.75 -19.24 -19.64
N GLY B 177 -34.63 -19.80 -18.81
CA GLY B 177 -35.33 -19.04 -17.78
C GLY B 177 -34.62 -19.27 -16.45
N SER B 178 -33.60 -20.12 -16.51
CA SER B 178 -32.64 -20.27 -15.45
C SER B 178 -31.72 -19.06 -15.57
N GLY B 179 -31.45 -18.68 -16.80
CA GLY B 179 -30.75 -17.43 -17.08
C GLY B 179 -31.52 -16.27 -16.48
N GLU B 180 -32.84 -16.28 -16.67
CA GLU B 180 -33.70 -15.27 -16.06
C GLU B 180 -33.52 -15.31 -14.56
N GLU B 181 -33.43 -16.52 -14.02
CA GLU B 181 -33.25 -16.70 -12.58
C GLU B 181 -31.88 -16.20 -12.12
N MET B 182 -30.86 -16.49 -12.92
CA MET B 182 -29.51 -16.00 -12.65
C MET B 182 -29.47 -14.47 -12.62
N LYS B 183 -30.17 -13.85 -13.55
CA LYS B 183 -30.30 -12.40 -13.59
C LYS B 183 -30.89 -11.86 -12.29
N LYS B 184 -31.97 -12.49 -11.84
CA LYS B 184 -32.69 -12.06 -10.65
C LYS B 184 -31.82 -12.15 -9.40
N ARG B 185 -31.09 -13.26 -9.28
CA ARG B 185 -30.19 -13.46 -8.15
C ARG B 185 -29.10 -12.40 -8.12
N PHE B 186 -28.46 -12.19 -9.27
CA PHE B 186 -27.38 -11.21 -9.36
C PHE B 186 -27.86 -9.83 -8.96
N LEU B 187 -29.02 -9.44 -9.47
CA LEU B 187 -29.56 -8.11 -9.21
C LEU B 187 -29.91 -7.99 -7.73
N THR B 188 -30.47 -9.07 -7.19
CA THR B 188 -30.95 -9.11 -5.81
C THR B 188 -29.80 -8.92 -4.84
N THR B 189 -28.75 -9.71 -5.07
CA THR B 189 -27.50 -9.61 -4.32
C THR B 189 -26.85 -8.23 -4.51
N PHE B 190 -26.86 -7.74 -5.75
CA PHE B 190 -26.31 -6.43 -6.09
C PHE B 190 -27.04 -5.31 -5.34
N GLU B 191 -28.36 -5.44 -5.21
CA GLU B 191 -29.15 -4.41 -4.54
C GLU B 191 -28.90 -4.41 -3.04
N GLN B 192 -28.79 -5.59 -2.46
CA GLN B 192 -28.47 -5.74 -1.04
C GLN B 192 -27.10 -5.14 -0.73
N ILE B 193 -26.09 -5.53 -1.52
CA ILE B 193 -24.73 -5.03 -1.32
C ILE B 193 -24.70 -3.53 -1.47
N ARG B 194 -25.33 -3.03 -2.52
CA ARG B 194 -25.38 -1.60 -2.79
C ARG B 194 -25.99 -0.87 -1.60
N ALA B 195 -27.08 -1.43 -1.07
CA ALA B 195 -27.78 -0.83 0.06
C ALA B 195 -26.88 -0.77 1.28
N HIS B 196 -26.24 -1.89 1.60
CA HIS B 196 -25.29 -1.92 2.72
C HIS B 196 -24.12 -0.97 2.48
N PHE B 197 -23.61 -0.94 1.26
CA PHE B 197 -22.45 -0.12 0.90
C PHE B 197 -22.69 1.34 1.29
N GLY B 198 -23.83 1.88 0.90
CA GLY B 198 -24.14 3.26 1.21
C GLY B 198 -24.11 3.53 2.72
N GLU B 199 -24.62 2.59 3.49
CA GLU B 199 -24.71 2.71 4.95
C GLU B 199 -23.37 2.54 5.62
N VAL B 200 -22.67 1.46 5.26
CA VAL B 200 -21.36 1.19 5.82
C VAL B 200 -20.40 2.35 5.53
N PHE B 201 -20.43 2.86 4.31
CA PHE B 201 -19.59 4.00 3.93
C PHE B 201 -19.83 5.17 4.89
N GLY B 202 -21.11 5.49 5.10
CA GLY B 202 -21.49 6.59 5.99
C GLY B 202 -20.98 6.40 7.42
N GLU B 203 -21.05 5.17 7.92
CA GLU B 203 -20.61 4.90 9.28
C GLU B 203 -19.10 5.02 9.41
N LEU B 204 -18.37 4.53 8.42
CA LEU B 204 -16.92 4.54 8.47
C LEU B 204 -16.34 5.94 8.31
N PHE B 205 -16.93 6.72 7.40
CA PHE B 205 -16.43 8.07 7.14
C PHE B 205 -17.02 9.11 8.11
N GLY B 206 -18.08 8.73 8.82
CA GLY B 206 -18.80 9.68 9.66
C GLY B 206 -19.62 10.65 8.83
N GLY B 207 -20.05 10.20 7.66
CA GLY B 207 -20.82 11.04 6.76
C GLY B 207 -20.57 10.66 5.29
N GLY B 208 -20.95 11.55 4.38
CA GLY B 208 -20.74 11.30 2.96
C GLY B 208 -21.66 10.21 2.44
N ARG B 209 -21.46 9.79 1.20
CA ARG B 209 -22.29 8.72 0.65
C ARG B 209 -21.59 7.95 -0.48
N ALA B 210 -22.07 6.74 -0.74
CA ALA B 210 -21.49 5.93 -1.78
C ALA B 210 -22.57 5.11 -2.45
N ASP B 211 -22.30 4.67 -3.68
CA ASP B 211 -23.29 3.90 -4.40
C ASP B 211 -22.59 2.99 -5.39
N LEU B 212 -23.33 2.07 -6.00
CA LEU B 212 -22.81 1.23 -7.07
C LEU B 212 -23.68 1.41 -8.32
N ARG B 213 -23.11 1.23 -9.51
CA ARG B 213 -23.86 1.37 -10.75
C ARG B 213 -23.57 0.20 -11.70
N LEU B 214 -24.56 -0.18 -12.50
CA LEU B 214 -24.34 -1.12 -13.60
C LEU B 214 -23.87 -0.33 -14.83
N THR B 215 -22.79 -0.77 -15.46
CA THR B 215 -22.30 -0.07 -16.63
C THR B 215 -23.17 -0.38 -17.85
N ASP B 216 -23.74 -1.59 -17.87
CA ASP B 216 -24.67 -1.98 -18.93
C ASP B 216 -25.99 -2.52 -18.37
N PRO B 217 -26.95 -1.61 -18.06
CA PRO B 217 -28.26 -1.97 -17.52
C PRO B 217 -29.04 -2.90 -18.46
N ASN B 218 -28.66 -2.95 -19.73
CA ASN B 218 -29.35 -3.81 -20.70
C ASN B 218 -28.91 -5.26 -20.67
N ASP B 219 -27.81 -5.55 -19.99
CA ASP B 219 -27.24 -6.89 -20.06
C ASP B 219 -26.57 -7.30 -18.77
N LEU B 220 -27.34 -7.97 -17.91
CA LEU B 220 -26.83 -8.35 -16.59
C LEU B 220 -25.72 -9.42 -16.65
N LEU B 221 -25.55 -10.07 -17.80
CA LEU B 221 -24.51 -11.09 -17.97
C LEU B 221 -23.18 -10.41 -18.22
N GLU B 222 -23.25 -9.29 -18.93
CA GLU B 222 -22.06 -8.63 -19.43
C GLU B 222 -21.71 -7.32 -18.71
N THR B 223 -22.63 -6.81 -17.89
CA THR B 223 -22.41 -5.50 -17.26
C THR B 223 -21.22 -5.49 -16.31
N GLY B 224 -20.55 -4.35 -16.23
CA GLY B 224 -19.55 -4.15 -15.21
C GLY B 224 -20.23 -3.48 -14.03
N ILE B 225 -19.48 -3.23 -12.96
CA ILE B 225 -19.99 -2.48 -11.82
C ILE B 225 -19.09 -1.25 -11.57
N ASP B 226 -19.70 -0.06 -11.57
CA ASP B 226 -18.97 1.15 -11.26
C ASP B 226 -19.13 1.40 -9.77
N ILE B 227 -18.10 1.97 -9.16
CA ILE B 227 -18.18 2.37 -7.77
C ILE B 227 -18.16 3.89 -7.71
N VAL B 228 -19.12 4.47 -6.99
CA VAL B 228 -19.06 5.91 -6.78
C VAL B 228 -19.08 6.20 -5.29
N ALA B 229 -18.27 7.15 -4.87
CA ALA B 229 -18.05 7.43 -3.45
C ALA B 229 -17.84 8.90 -3.28
N GLN B 230 -18.50 9.48 -2.28
CA GLN B 230 -18.37 10.91 -2.04
C GLN B 230 -18.10 11.13 -0.55
N PRO B 231 -16.82 11.33 -0.19
CA PRO B 231 -16.45 11.53 1.21
C PRO B 231 -17.12 12.80 1.74
N PRO B 232 -17.27 12.93 3.08
CA PRO B 232 -17.87 14.12 3.71
C PRO B 232 -17.36 15.43 3.14
N GLY B 233 -18.27 16.31 2.74
CA GLY B 233 -17.92 17.64 2.27
C GLY B 233 -17.53 17.77 0.81
N LYS B 234 -17.38 16.65 0.12
CA LYS B 234 -16.87 16.69 -1.24
C LYS B 234 -17.94 16.52 -2.30
N LYS B 235 -17.63 17.02 -3.49
CA LYS B 235 -18.44 16.77 -4.68
C LYS B 235 -17.97 15.47 -5.29
N LEU B 236 -18.94 14.66 -5.74
CA LEU B 236 -18.63 13.43 -6.42
C LEU B 236 -17.68 13.69 -7.60
N GLN B 237 -16.57 12.95 -7.63
CA GLN B 237 -15.62 13.06 -8.72
C GLN B 237 -15.16 11.63 -8.99
N HIS B 238 -14.31 11.46 -10.00
CA HIS B 238 -13.80 10.13 -10.31
C HIS B 238 -13.25 9.51 -9.05
N LEU B 239 -13.57 8.23 -8.84
CA LEU B 239 -12.97 7.41 -7.80
C LEU B 239 -11.44 7.57 -7.77
N SER B 240 -10.85 7.76 -8.95
CA SER B 240 -9.39 7.84 -9.06
C SER B 240 -8.78 9.03 -8.31
N LEU B 241 -9.53 10.14 -8.23
CA LEU B 241 -9.03 11.33 -7.57
C LEU B 241 -9.06 11.26 -6.04
N LEU B 242 -9.69 10.22 -5.50
CA LEU B 242 -9.76 10.08 -4.04
C LEU B 242 -8.37 9.76 -3.48
N SER B 243 -8.17 10.10 -2.21
CA SER B 243 -6.89 9.94 -1.56
C SER B 243 -6.60 8.46 -1.23
N GLY B 244 -5.38 8.18 -0.82
CA GLY B 244 -5.00 6.84 -0.41
C GLY B 244 -5.86 6.31 0.73
N GLY B 245 -6.10 7.13 1.75
CA GLY B 245 -6.93 6.68 2.86
C GLY B 245 -8.40 6.61 2.52
N GLU B 246 -8.87 7.55 1.69
CA GLU B 246 -10.27 7.53 1.25
C GLU B 246 -10.54 6.31 0.40
N ARG B 247 -9.63 5.99 -0.51
CA ARG B 247 -9.78 4.76 -1.30
C ARG B 247 -9.75 3.52 -0.42
N ALA B 248 -8.86 3.49 0.56
CA ALA B 248 -8.79 2.32 1.43
C ALA B 248 -10.08 2.15 2.22
N LEU B 249 -10.63 3.24 2.75
CA LEU B 249 -11.82 3.12 3.58
C LEU B 249 -13.04 2.80 2.73
N THR B 250 -13.03 3.25 1.48
CA THR B 250 -14.11 2.90 0.55
C THR B 250 -14.05 1.40 0.25
N ALA B 251 -12.85 0.90 -0.02
CA ALA B 251 -12.65 -0.54 -0.21
C ALA B 251 -13.12 -1.35 0.99
N ILE B 252 -12.78 -0.90 2.19
CA ILE B 252 -13.21 -1.59 3.40
C ILE B 252 -14.73 -1.57 3.53
N ALA B 253 -15.37 -0.44 3.19
CA ALA B 253 -16.84 -0.37 3.24
C ALA B 253 -17.45 -1.43 2.32
N LEU B 254 -16.88 -1.53 1.12
CA LEU B 254 -17.40 -2.46 0.12
C LEU B 254 -17.19 -3.89 0.59
N LEU B 255 -16.01 -4.17 1.13
CA LEU B 255 -15.75 -5.51 1.65
C LEU B 255 -16.74 -5.91 2.73
N PHE B 256 -16.92 -5.03 3.70
CA PHE B 256 -17.81 -5.31 4.81
C PHE B 256 -19.22 -5.57 4.28
N SER B 257 -19.60 -4.79 3.27
CA SER B 257 -20.93 -4.91 2.69
C SER B 257 -21.14 -6.27 2.02
N ILE B 258 -20.14 -6.71 1.29
CA ILE B 258 -20.19 -8.01 0.64
C ILE B 258 -20.31 -9.12 1.69
N LEU B 259 -19.60 -8.98 2.81
CA LEU B 259 -19.62 -9.97 3.89
C LEU B 259 -20.95 -9.96 4.68
N LYS B 260 -21.68 -8.85 4.61
CA LYS B 260 -23.01 -8.77 5.22
C LYS B 260 -23.95 -9.65 4.43
N VAL B 261 -23.85 -9.54 3.11
CA VAL B 261 -24.73 -10.24 2.18
C VAL B 261 -24.39 -11.73 2.03
N ARG B 262 -23.09 -12.02 1.96
CA ARG B 262 -22.62 -13.38 1.77
C ARG B 262 -21.65 -13.70 2.91
N PRO B 263 -22.18 -14.05 4.08
CA PRO B 263 -21.33 -14.26 5.26
C PRO B 263 -20.33 -15.39 5.10
N VAL B 264 -19.18 -15.26 5.77
CA VAL B 264 -18.16 -16.29 5.74
C VAL B 264 -17.82 -16.61 7.17
N PRO B 265 -17.21 -17.78 7.42
CA PRO B 265 -17.03 -18.13 8.84
C PRO B 265 -15.91 -17.35 9.52
N PHE B 266 -14.86 -16.98 8.78
CA PHE B 266 -13.86 -16.06 9.32
C PHE B 266 -13.23 -15.24 8.21
N CYS B 267 -12.64 -14.11 8.59
CA CYS B 267 -12.06 -13.16 7.63
C CYS B 267 -10.67 -12.77 8.12
N VAL B 268 -9.69 -12.77 7.22
CA VAL B 268 -8.32 -12.41 7.58
C VAL B 268 -7.95 -11.08 6.93
N LEU B 269 -7.50 -10.13 7.76
CA LEU B 269 -7.21 -8.76 7.32
C LEU B 269 -5.78 -8.41 7.69
N ASP B 270 -4.89 -8.33 6.71
CA ASP B 270 -3.46 -8.11 6.97
C ASP B 270 -3.17 -6.64 6.73
N GLN B 271 -3.15 -5.86 7.81
CA GLN B 271 -2.85 -4.42 7.78
C GLN B 271 -3.72 -3.64 6.80
N VAL B 272 -5.03 -3.87 6.83
CA VAL B 272 -5.92 -3.14 5.92
C VAL B 272 -6.07 -1.67 6.30
N GLU B 273 -5.68 -1.32 7.52
CA GLU B 273 -5.85 0.07 7.98
C GLU B 273 -4.60 0.94 7.85
N ALA B 274 -3.62 0.48 7.07
CA ALA B 274 -2.33 1.17 6.94
C ALA B 274 -2.47 2.64 6.52
N ALA B 275 -3.38 2.90 5.58
CA ALA B 275 -3.57 4.24 5.01
C ALA B 275 -4.50 5.15 5.82
N LEU B 276 -5.17 4.60 6.82
CA LEU B 276 -6.17 5.35 7.58
C LEU B 276 -5.54 6.27 8.63
N ASP B 277 -6.15 7.44 8.82
CA ASP B 277 -5.72 8.38 9.84
C ASP B 277 -6.31 7.94 11.17
N GLU B 278 -5.99 8.65 12.25
CA GLU B 278 -6.42 8.26 13.59
C GLU B 278 -7.94 8.21 13.77
N ALA B 279 -8.64 9.22 13.26
CA ALA B 279 -10.09 9.28 13.36
C ALA B 279 -10.74 8.14 12.59
N ASN B 280 -10.27 7.89 11.37
CA ASN B 280 -10.85 6.81 10.57
C ASN B 280 -10.56 5.42 11.13
N VAL B 281 -9.37 5.24 11.70
CA VAL B 281 -9.06 3.93 12.32
C VAL B 281 -9.98 3.63 13.50
N GLN B 282 -10.29 4.66 14.26
CA GLN B 282 -11.19 4.53 15.39
C GLN B 282 -12.59 4.11 14.96
N ARG B 283 -13.14 4.78 13.96
CA ARG B 283 -14.44 4.39 13.39
C ARG B 283 -14.40 2.97 12.82
N TYR B 284 -13.30 2.66 12.12
CA TYR B 284 -13.11 1.34 11.55
C TYR B 284 -13.08 0.26 12.65
N ALA B 285 -12.30 0.52 13.69
CA ALA B 285 -12.09 -0.49 14.72
C ALA B 285 -13.37 -0.78 15.50
N GLN B 286 -14.16 0.26 15.73
CA GLN B 286 -15.42 0.10 16.45
C GLN B 286 -16.41 -0.65 15.58
N TYR B 287 -16.39 -0.37 14.28
CA TYR B 287 -17.26 -1.08 13.34
C TYR B 287 -16.87 -2.56 13.27
N LEU B 288 -15.57 -2.78 13.18
CA LEU B 288 -15.02 -4.13 13.17
C LEU B 288 -15.50 -4.93 14.37
N LYS B 289 -15.39 -4.31 15.55
CA LYS B 289 -15.79 -4.92 16.82
C LYS B 289 -17.27 -5.33 16.80
N ARG B 290 -18.13 -4.44 16.33
CA ARG B 290 -19.56 -4.76 16.19
C ARG B 290 -19.75 -5.93 15.24
N PHE B 291 -19.18 -5.81 14.05
CA PHE B 291 -19.22 -6.86 13.03
C PHE B 291 -18.69 -8.20 13.56
N SER B 292 -17.75 -8.16 14.50
CA SER B 292 -17.09 -9.38 14.97
C SER B 292 -18.02 -10.30 15.77
N ARG B 293 -19.20 -9.80 16.14
CA ARG B 293 -20.19 -10.64 16.79
C ARG B 293 -20.73 -11.69 15.81
N ASP B 294 -20.89 -11.28 14.55
CA ASP B 294 -21.40 -12.16 13.50
C ASP B 294 -20.31 -13.04 12.92
N THR B 295 -19.17 -12.43 12.64
CA THR B 295 -18.08 -13.05 11.88
C THR B 295 -16.77 -12.96 12.63
N GLN B 296 -16.00 -14.05 12.59
CA GLN B 296 -14.72 -14.11 13.25
C GLN B 296 -13.65 -13.37 12.43
N PHE B 297 -12.90 -12.49 13.07
CA PHE B 297 -11.84 -11.76 12.36
C PHE B 297 -10.47 -12.10 12.91
N ILE B 298 -9.51 -12.30 12.03
CA ILE B 298 -8.11 -12.44 12.40
C ILE B 298 -7.39 -11.27 11.73
N VAL B 299 -6.84 -10.37 12.51
CA VAL B 299 -6.23 -9.18 11.91
C VAL B 299 -4.77 -9.03 12.29
N ILE B 300 -3.98 -8.65 11.32
CA ILE B 300 -2.62 -8.23 11.60
C ILE B 300 -2.67 -6.70 11.60
N THR B 301 -2.18 -6.10 12.66
CA THR B 301 -2.33 -4.64 12.81
C THR B 301 -1.18 -4.04 13.56
N HIS B 302 -0.93 -2.76 13.28
CA HIS B 302 0.03 -1.98 14.06
C HIS B 302 -0.68 -0.82 14.73
N ARG B 303 -2.01 -0.79 14.66
CA ARG B 303 -2.74 0.39 15.13
C ARG B 303 -3.38 0.18 16.48
N LYS B 304 -3.10 1.10 17.41
CA LYS B 304 -3.58 1.00 18.78
C LYS B 304 -5.10 0.89 18.84
N GLY B 305 -5.78 1.71 18.05
CA GLY B 305 -7.25 1.68 17.98
C GLY B 305 -7.81 0.31 17.66
N THR B 306 -7.11 -0.45 16.83
CA THR B 306 -7.58 -1.79 16.51
C THR B 306 -7.27 -2.74 17.66
N MET B 307 -6.05 -2.66 18.20
CA MET B 307 -5.62 -3.52 19.30
C MET B 307 -6.54 -3.39 20.51
N GLU B 308 -7.07 -2.19 20.76
CA GLU B 308 -7.94 -1.95 21.92
C GLU B 308 -9.28 -2.62 21.73
N GLU B 309 -9.65 -2.87 20.48
CA GLU B 309 -10.89 -3.58 20.25
C GLU B 309 -10.71 -5.10 20.19
N ALA B 310 -9.47 -5.56 20.36
CA ALA B 310 -9.16 -6.99 20.20
C ALA B 310 -9.58 -7.85 21.39
N ASP B 311 -10.05 -9.07 21.11
CA ASP B 311 -10.44 -10.00 22.17
C ASP B 311 -9.22 -10.79 22.66
N VAL B 312 -8.21 -10.91 21.80
CA VAL B 312 -6.93 -11.50 22.19
C VAL B 312 -5.84 -10.93 21.28
N LEU B 313 -4.66 -10.72 21.86
CA LEU B 313 -3.48 -10.20 21.17
C LEU B 313 -2.36 -11.20 21.20
N TYR B 314 -1.87 -11.58 20.02
CA TYR B 314 -0.67 -12.41 19.95
C TYR B 314 0.48 -11.59 19.37
N GLY B 315 1.56 -11.53 20.13
CA GLY B 315 2.78 -10.91 19.63
C GLY B 315 3.65 -11.94 18.94
N VAL B 316 4.14 -11.58 17.77
CA VAL B 316 5.03 -12.43 17.00
C VAL B 316 6.38 -11.75 16.94
N THR B 317 7.43 -12.47 17.28
CA THR B 317 8.77 -11.89 17.27
C THR B 317 9.78 -12.85 16.70
N MET B 318 10.96 -12.32 16.42
CA MET B 318 12.06 -13.12 15.91
C MET B 318 13.31 -12.77 16.73
N GLN B 319 13.34 -13.17 18.00
CA GLN B 319 14.55 -12.98 18.82
C GLN B 319 15.70 -13.79 18.27
N GLU B 320 15.41 -15.05 17.97
CA GLU B 320 16.39 -15.91 17.37
C GLU B 320 16.38 -15.61 15.88
N SER B 321 17.57 -15.48 15.30
CA SER B 321 17.70 -15.22 13.87
C SER B 321 16.82 -16.14 13.05
N GLY B 322 15.94 -15.55 12.24
CA GLY B 322 15.17 -16.31 11.27
C GLY B 322 13.98 -17.12 11.77
N VAL B 323 13.78 -17.21 13.08
CA VAL B 323 12.74 -18.09 13.60
C VAL B 323 11.65 -17.31 14.34
N SER B 324 10.39 -17.52 13.94
CA SER B 324 9.28 -16.83 14.58
C SER B 324 8.86 -17.47 15.90
N LYS B 325 8.51 -16.61 16.86
CA LYS B 325 7.98 -17.01 18.14
C LYS B 325 6.66 -16.29 18.35
N LEU B 326 5.65 -17.00 18.86
CA LEU B 326 4.36 -16.38 19.10
C LEU B 326 3.95 -16.52 20.54
N VAL B 327 3.66 -15.40 21.20
CA VAL B 327 3.10 -15.44 22.55
C VAL B 327 1.92 -14.49 22.70
N SER B 328 1.05 -14.80 23.68
CA SER B 328 -0.02 -13.88 24.06
C SER B 328 0.57 -12.68 24.77
N VAL B 329 0.08 -11.50 24.43
CA VAL B 329 0.59 -10.26 25.02
C VAL B 329 -0.52 -9.34 25.50
N ARG B 330 -0.21 -8.54 26.50
CA ARG B 330 -1.14 -7.54 26.99
C ARG B 330 -0.79 -6.21 26.34
N LEU B 331 -1.80 -5.38 26.10
CA LEU B 331 -1.61 -4.11 25.40
C LEU B 331 -0.79 -3.10 26.20
N GLU B 332 -0.91 -3.18 27.52
CA GLU B 332 -0.25 -2.25 28.43
C GLU B 332 1.28 -2.33 28.29
N ASP B 333 1.75 -3.43 27.68
CA ASP B 333 3.16 -3.68 27.47
C ASP B 333 3.44 -4.12 26.04
N SER B 334 2.54 -3.77 25.14
CA SER B 334 2.78 -3.93 23.71
C SER B 334 3.17 -2.55 23.19
N LYS B 335 3.29 -1.61 24.12
CA LYS B 335 3.45 -0.19 23.80
C LYS B 335 4.56 0.14 22.79
N GLU B 336 5.52 -0.76 22.65
CA GLU B 336 6.55 -0.62 21.63
C GLU B 336 6.00 -1.00 20.26
N LEU B 337 4.98 -1.86 20.25
CA LEU B 337 4.38 -2.30 18.99
C LEU B 337 3.26 -1.38 18.48
N VAL B 338 3.03 -0.27 19.19
CA VAL B 338 2.06 0.72 18.77
C VAL B 338 2.65 1.64 17.70
N ARG B 339 2.01 1.67 16.52
CA ARG B 339 2.48 2.48 15.38
C ARG B 339 2.53 3.96 15.74
#